data_6BRU
#
_entry.id   6BRU
#
_cell.length_a   92.755
_cell.length_b   97.138
_cell.length_c   193.651
_cell.angle_alpha   90.00
_cell.angle_beta   90.00
_cell.angle_gamma   90.00
#
_symmetry.space_group_name_H-M   'P 21 21 21'
#
loop_
_entity.id
_entity.type
_entity.pdbx_description
1 polymer 'Serine/threonine-protein kinase VRK1'
2 non-polymer 'SULFATE ION'
3 non-polymer (7S)-2-[(3,5-difluoro-4-hydroxyphenyl)amino]-5,7,8-trimethyl-7,8-dihydropteridin-6(5H)-one
4 non-polymer 1,2-ETHANEDIOL
5 water water
#
_entity_poly.entity_id   1
_entity_poly.type   'polypeptide(L)'
_entity_poly.pdbx_seq_one_letter_code
;SMRVKAAQAGRQSSAKRHLAEQFAVGEIITDMAAAAWKVGLPIGQGGFGCIYLADMNSSESVGSDAPCVVKVEPSDNGPL
FTELKFYQRAAKPEQIQKWIRTRKLKYLGVPKYWGSGLHDKNGKSYRFMIMDRFGSDLQKIYEANAKRFSRKTVLQLSLR
ILDILEYIHEHEYVHGDIKASNLLLNYKNPDQVYLVDYGLAYRYCPEGVHKAYAADPKRCHDGTIEFTSIDAHNGVAPSR
RGDLEILGYCMIQWLTGHLPWEDNLKDPKYVRDSKIRYRENIASLMDKCFPAANAPGEIAKYMETVKLLDYTEKPLYENL
RDILLQGLKAIGSKDDGKLDLSVVENGGLKAKTITKKRAAEIEE
;
_entity_poly.pdbx_strand_id   A,B,C,D
#
loop_
_chem_comp.id
_chem_comp.type
_chem_comp.name
_chem_comp.formula
E5M non-polymer (7S)-2-[(3,5-difluoro-4-hydroxyphenyl)amino]-5,7,8-trimethyl-7,8-dihydropteridin-6(5H)-one 'C15 H15 F2 N5 O2'
EDO non-polymer 1,2-ETHANEDIOL 'C2 H6 O2'
SO4 non-polymer 'SULFATE ION' 'O4 S -2'
#
# COMPACT_ATOMS: atom_id res chain seq x y z
N ALA A 20 -44.01 36.22 -12.09
CA ALA A 20 -43.47 37.30 -12.97
C ALA A 20 -42.80 36.67 -14.19
N GLU A 21 -43.07 37.23 -15.39
CA GLU A 21 -42.49 36.71 -16.63
C GLU A 21 -41.02 37.09 -16.66
N GLN A 22 -40.17 36.09 -16.89
CA GLN A 22 -38.72 36.30 -16.89
C GLN A 22 -38.21 36.79 -18.23
N PHE A 23 -38.89 36.40 -19.30
CA PHE A 23 -38.51 36.69 -20.69
C PHE A 23 -39.61 37.39 -21.47
N ALA A 24 -39.25 38.06 -22.56
CA ALA A 24 -40.13 38.38 -23.67
C ALA A 24 -39.94 37.26 -24.74
N VAL A 25 -41.02 36.58 -25.11
CA VAL A 25 -40.90 35.40 -25.98
C VAL A 25 -40.27 35.78 -27.31
N GLY A 26 -39.25 35.02 -27.76
CA GLY A 26 -38.47 35.42 -28.96
C GLY A 26 -37.29 36.36 -28.73
N GLU A 27 -37.07 36.81 -27.48
CA GLU A 27 -35.91 37.60 -27.19
C GLU A 27 -34.64 36.70 -27.35
N ILE A 28 -33.55 37.39 -27.65
CA ILE A 28 -32.25 36.81 -27.79
C ILE A 28 -31.43 37.09 -26.52
N ILE A 29 -30.93 36.01 -25.91
CA ILE A 29 -30.13 36.10 -24.70
C ILE A 29 -28.73 35.61 -25.03
N THR A 30 -27.77 36.26 -24.41
CA THR A 30 -26.35 36.01 -24.69
C THR A 30 -25.72 35.47 -23.41
N ASP A 31 -25.06 34.33 -23.54
CA ASP A 31 -24.46 33.68 -22.37
C ASP A 31 -23.07 34.23 -22.05
N MET A 32 -22.44 33.74 -21.00
CA MET A 32 -21.13 34.26 -20.60
C MET A 32 -20.01 33.98 -21.60
N ALA A 33 -20.19 32.99 -22.46
CA ALA A 33 -19.24 32.71 -23.52
C ALA A 33 -19.57 33.48 -24.81
N ALA A 34 -20.51 34.42 -24.71
CA ALA A 34 -20.99 35.25 -25.83
C ALA A 34 -21.76 34.48 -26.93
N ALA A 35 -22.23 33.28 -26.62
CA ALA A 35 -23.10 32.53 -27.51
C ALA A 35 -24.55 33.04 -27.39
N ALA A 36 -25.21 33.17 -28.53
CA ALA A 36 -26.56 33.75 -28.61
C ALA A 36 -27.61 32.67 -28.70
N TRP A 37 -28.68 32.82 -27.93
CA TRP A 37 -29.79 31.89 -27.87
C TRP A 37 -31.10 32.65 -28.00
N LYS A 38 -32.14 32.00 -28.51
CA LYS A 38 -33.49 32.56 -28.60
C LYS A 38 -34.44 31.82 -27.70
N VAL A 39 -35.34 32.53 -27.02
CA VAL A 39 -36.25 31.90 -26.05
C VAL A 39 -37.59 31.56 -26.72
N GLY A 40 -38.10 30.34 -26.47
CA GLY A 40 -39.40 29.91 -26.96
C GLY A 40 -40.41 29.78 -25.84
N LEU A 41 -41.41 28.92 -26.02
CA LEU A 41 -42.53 28.71 -25.09
C LEU A 41 -42.16 27.80 -23.94
N PRO A 42 -42.95 27.81 -22.85
CA PRO A 42 -42.64 26.94 -21.71
C PRO A 42 -42.74 25.46 -22.05
N ILE A 43 -42.01 24.62 -21.32
CA ILE A 43 -42.00 23.17 -21.52
C ILE A 43 -41.64 22.54 -20.15
N GLY A 44 -42.31 21.43 -19.82
CA GLY A 44 -41.98 20.62 -18.67
C GLY A 44 -40.94 19.57 -19.02
N GLN A 45 -40.03 19.36 -18.09
CA GLN A 45 -38.99 18.33 -18.14
C GLN A 45 -39.04 17.50 -16.82
N GLY A 46 -40.27 17.10 -16.43
CA GLY A 46 -40.53 16.27 -15.24
C GLY A 46 -40.63 16.95 -13.87
N GLY A 47 -40.32 18.25 -13.78
CA GLY A 47 -40.29 19.03 -12.51
C GLY A 47 -41.26 20.22 -12.51
N PHE A 48 -41.01 21.23 -11.67
CA PHE A 48 -41.89 22.44 -11.57
C PHE A 48 -41.19 23.80 -11.82
N GLY A 49 -39.90 23.79 -12.23
CA GLY A 49 -39.12 25.00 -12.45
C GLY A 49 -39.60 25.84 -13.63
N CYS A 50 -38.96 27.00 -13.83
CA CYS A 50 -39.29 27.87 -14.96
C CYS A 50 -38.34 27.44 -16.07
N ILE A 51 -38.89 26.74 -17.05
CA ILE A 51 -38.12 26.13 -18.15
C ILE A 51 -38.81 26.44 -19.45
N TYR A 52 -38.03 26.93 -20.42
CA TYR A 52 -38.53 27.30 -21.74
C TYR A 52 -37.74 26.57 -22.80
N LEU A 53 -38.38 26.36 -23.95
CA LEU A 53 -37.67 25.88 -25.13
C LEU A 53 -36.66 26.95 -25.54
N ALA A 54 -35.56 26.50 -26.16
CA ALA A 54 -34.52 27.41 -26.60
C ALA A 54 -33.79 26.85 -27.78
N ASP A 55 -33.26 27.75 -28.61
CA ASP A 55 -32.43 27.30 -29.72
C ASP A 55 -31.36 28.35 -29.98
N MET A 56 -30.45 28.03 -30.87
CA MET A 56 -29.47 29.01 -31.36
C MET A 56 -30.21 30.19 -31.98
N ASN A 57 -29.63 31.37 -31.83
CA ASN A 57 -30.17 32.55 -32.48
C ASN A 57 -30.18 32.36 -34.03
N SER A 58 -31.34 32.61 -34.59
CA SER A 58 -31.57 32.63 -36.03
C SER A 58 -32.75 33.57 -36.32
N SER A 59 -33.10 33.72 -37.60
CA SER A 59 -34.26 34.55 -37.97
C SER A 59 -35.60 33.88 -37.61
N GLU A 60 -35.60 32.56 -37.48
CA GLU A 60 -36.83 31.81 -37.18
C GLU A 60 -37.18 31.84 -35.68
N SER A 61 -38.46 31.63 -35.38
CA SER A 61 -38.94 31.47 -34.03
C SER A 61 -38.50 30.11 -33.48
N VAL A 62 -38.47 30.00 -32.16
CA VAL A 62 -38.14 28.73 -31.52
C VAL A 62 -39.37 27.82 -31.58
N GLY A 63 -39.19 26.64 -32.17
CA GLY A 63 -40.29 25.69 -32.39
C GLY A 63 -40.46 24.67 -31.28
N SER A 64 -41.54 23.90 -31.38
CA SER A 64 -41.86 22.82 -30.44
C SER A 64 -40.86 21.67 -30.44
N ASP A 65 -40.05 21.57 -31.49
CA ASP A 65 -38.96 20.58 -31.62
C ASP A 65 -37.53 21.13 -31.30
N ALA A 66 -37.47 22.19 -30.50
CA ALA A 66 -36.20 22.82 -30.16
C ALA A 66 -35.27 21.82 -29.49
N PRO A 67 -33.97 21.85 -29.81
CA PRO A 67 -33.03 20.90 -29.22
C PRO A 67 -32.54 21.26 -27.81
N CYS A 68 -32.86 22.46 -27.29
CA CYS A 68 -32.41 22.87 -25.97
C CYS A 68 -33.55 23.43 -25.16
N VAL A 69 -33.27 23.60 -23.88
CA VAL A 69 -34.14 24.34 -22.98
C VAL A 69 -33.30 25.36 -22.24
N VAL A 70 -33.97 26.40 -21.76
CA VAL A 70 -33.32 27.35 -20.89
C VAL A 70 -34.04 27.29 -19.57
N LYS A 71 -33.28 27.10 -18.50
CA LYS A 71 -33.79 27.11 -17.14
C LYS A 71 -33.44 28.47 -16.56
N VAL A 72 -34.41 29.12 -15.91
CA VAL A 72 -34.24 30.47 -15.42
C VAL A 72 -34.85 30.59 -14.06
N GLU A 73 -34.08 31.14 -13.13
CA GLU A 73 -34.48 31.31 -11.74
C GLU A 73 -33.85 32.59 -11.23
N PRO A 74 -34.42 33.18 -10.16
CA PRO A 74 -33.71 34.27 -9.50
C PRO A 74 -32.25 33.92 -9.16
N SER A 75 -31.35 34.90 -9.24
CA SER A 75 -29.93 34.70 -8.99
C SER A 75 -29.67 34.17 -7.56
N ASP A 76 -30.54 34.49 -6.63
CA ASP A 76 -30.46 33.98 -5.25
C ASP A 76 -31.04 32.58 -5.04
N ASN A 77 -31.60 31.98 -6.09
CA ASN A 77 -32.08 30.59 -6.00
C ASN A 77 -30.89 29.64 -5.81
N GLY A 78 -30.90 28.94 -4.69
CA GLY A 78 -29.78 28.06 -4.34
C GLY A 78 -29.69 26.84 -5.26
N PRO A 79 -30.81 26.14 -5.52
CA PRO A 79 -30.74 24.98 -6.37
C PRO A 79 -30.19 25.20 -7.77
N LEU A 80 -30.56 26.30 -8.42
CA LEU A 80 -30.05 26.49 -9.79
C LEU A 80 -28.55 26.78 -9.75
N PHE A 81 -28.07 27.44 -8.72
CA PHE A 81 -26.63 27.65 -8.56
C PHE A 81 -25.90 26.30 -8.37
N THR A 82 -26.42 25.47 -7.48
CA THR A 82 -25.86 24.13 -7.28
C THR A 82 -25.82 23.31 -8.57
N GLU A 83 -26.94 23.34 -9.29
CA GLU A 83 -27.08 22.61 -10.54
C GLU A 83 -26.10 23.10 -11.60
N LEU A 84 -26.03 24.41 -11.73
CA LEU A 84 -25.13 25.01 -12.70
C LEU A 84 -23.67 24.63 -12.40
N LYS A 85 -23.27 24.66 -11.13
CA LYS A 85 -21.92 24.26 -10.79
C LYS A 85 -21.66 22.78 -11.12
N PHE A 86 -22.63 21.92 -10.88
CA PHE A 86 -22.48 20.51 -11.28
C PHE A 86 -22.24 20.43 -12.82
N TYR A 87 -23.12 21.08 -13.58
CA TYR A 87 -23.00 21.01 -15.05
C TYR A 87 -21.70 21.61 -15.58
N GLN A 88 -21.23 22.71 -15.01
CA GLN A 88 -19.96 23.31 -15.42
C GLN A 88 -18.76 22.43 -15.10
N ARG A 89 -18.84 21.74 -13.97
CA ARG A 89 -17.72 20.94 -13.50
C ARG A 89 -17.68 19.55 -14.15
N ALA A 90 -18.85 18.94 -14.40
CA ALA A 90 -18.98 17.57 -14.76
C ALA A 90 -19.66 17.28 -16.10
N ALA A 91 -20.26 18.23 -16.76
CA ALA A 91 -21.03 17.93 -17.95
C ALA A 91 -20.70 18.78 -19.16
N LYS A 92 -19.44 19.13 -19.29
CA LYS A 92 -18.98 19.82 -20.51
C LYS A 92 -19.04 18.81 -21.67
N PRO A 93 -19.47 19.26 -22.86
CA PRO A 93 -19.69 18.27 -23.94
C PRO A 93 -18.48 17.39 -24.24
N GLU A 94 -17.29 17.99 -24.25
CA GLU A 94 -16.07 17.28 -24.57
C GLU A 94 -15.61 16.31 -23.47
N GLN A 95 -15.89 16.68 -22.24
CA GLN A 95 -15.60 15.85 -21.08
C GLN A 95 -16.44 14.58 -21.09
N ILE A 96 -17.73 14.73 -21.41
CA ILE A 96 -18.64 13.58 -21.57
C ILE A 96 -18.19 12.72 -22.75
N GLN A 97 -17.92 13.33 -23.89
CA GLN A 97 -17.50 12.54 -25.06
C GLN A 97 -16.20 11.81 -24.81
N LYS A 98 -15.24 12.42 -24.15
CA LYS A 98 -14.02 11.72 -23.77
C LYS A 98 -14.26 10.48 -22.89
N TRP A 99 -15.16 10.60 -21.92
CA TRP A 99 -15.51 9.47 -21.08
C TRP A 99 -16.20 8.34 -21.90
N ILE A 100 -17.12 8.71 -22.76
CA ILE A 100 -17.82 7.75 -23.62
C ILE A 100 -16.79 6.97 -24.45
N ARG A 101 -15.83 7.67 -25.03
CA ARG A 101 -14.76 7.06 -25.84
C ARG A 101 -13.89 6.12 -24.99
N THR A 102 -13.33 6.62 -23.90
CA THR A 102 -12.40 5.83 -23.10
C THR A 102 -13.07 4.63 -22.39
N ARG A 103 -14.31 4.77 -21.95
N ARG A 103 -14.31 4.77 -21.95
CA ARG A 103 -15.05 3.70 -21.29
CA ARG A 103 -15.06 3.69 -21.29
C ARG A 103 -15.83 2.81 -22.31
C ARG A 103 -15.83 2.81 -22.31
N LYS A 104 -15.72 3.12 -23.59
CA LYS A 104 -16.39 2.34 -24.65
C LYS A 104 -17.90 2.20 -24.46
N LEU A 105 -18.57 3.30 -24.17
CA LEU A 105 -20.01 3.33 -24.00
C LEU A 105 -20.70 3.69 -25.30
N LYS A 106 -21.97 3.33 -25.43
CA LYS A 106 -22.80 3.78 -26.56
C LYS A 106 -23.17 5.24 -26.40
N TYR A 107 -23.48 5.63 -25.17
CA TYR A 107 -23.86 7.00 -24.84
C TYR A 107 -23.67 7.12 -23.30
N LEU A 108 -23.82 8.33 -22.77
CA LEU A 108 -23.82 8.54 -21.31
C LEU A 108 -24.99 9.43 -20.98
N GLY A 109 -25.87 8.97 -20.08
CA GLY A 109 -27.09 9.72 -19.76
C GLY A 109 -26.94 10.88 -18.78
N VAL A 110 -25.90 11.69 -18.96
CA VAL A 110 -25.72 12.93 -18.21
C VAL A 110 -26.01 14.03 -19.24
N PRO A 111 -26.98 14.89 -18.96
CA PRO A 111 -27.31 15.97 -19.90
C PRO A 111 -26.12 16.91 -20.16
N LYS A 112 -26.05 17.41 -21.39
CA LYS A 112 -25.01 18.32 -21.77
C LYS A 112 -25.33 19.77 -21.37
N TYR A 113 -24.29 20.43 -20.88
CA TYR A 113 -24.29 21.84 -20.55
C TYR A 113 -23.86 22.66 -21.76
N TRP A 114 -24.68 23.61 -22.18
CA TRP A 114 -24.39 24.43 -23.38
C TRP A 114 -24.04 25.87 -23.09
N GLY A 115 -24.36 26.37 -21.89
CA GLY A 115 -23.97 27.72 -21.50
C GLY A 115 -24.82 28.22 -20.35
N SER A 116 -24.45 29.38 -19.83
CA SER A 116 -25.21 30.03 -18.80
C SER A 116 -24.91 31.50 -18.76
N GLY A 117 -25.72 32.25 -18.03
CA GLY A 117 -25.50 33.67 -17.88
C GLY A 117 -26.38 34.27 -16.82
N LEU A 118 -26.42 35.59 -16.87
CA LEU A 118 -27.20 36.40 -15.94
C LEU A 118 -28.07 37.29 -16.79
N HIS A 119 -29.31 37.44 -16.37
CA HIS A 119 -30.34 38.14 -17.14
C HIS A 119 -31.07 39.02 -16.14
N ASP A 120 -31.10 40.30 -16.44
CA ASP A 120 -31.84 41.28 -15.60
C ASP A 120 -33.19 41.55 -16.26
N LYS A 121 -34.26 41.53 -15.44
CA LYS A 121 -35.59 41.95 -15.90
C LYS A 121 -36.32 42.70 -14.80
N ASN A 122 -36.78 43.92 -15.10
CA ASN A 122 -37.63 44.70 -14.15
C ASN A 122 -36.98 44.87 -12.77
N GLY A 123 -35.68 45.18 -12.78
CA GLY A 123 -34.90 45.33 -11.56
C GLY A 123 -34.58 44.08 -10.73
N LYS A 124 -35.01 42.89 -11.19
CA LYS A 124 -34.65 41.63 -10.53
C LYS A 124 -33.56 40.95 -11.37
N SER A 125 -32.65 40.26 -10.66
CA SER A 125 -31.53 39.51 -11.27
C SER A 125 -31.89 38.03 -11.36
N TYR A 126 -31.72 37.45 -12.54
CA TYR A 126 -31.94 36.05 -12.82
C TYR A 126 -30.66 35.36 -13.32
N ARG A 127 -30.57 34.07 -13.02
CA ARG A 127 -29.56 33.19 -13.61
C ARG A 127 -30.25 32.32 -14.63
N PHE A 128 -29.58 32.05 -15.75
CA PHE A 128 -30.08 31.07 -16.70
C PHE A 128 -29.04 30.06 -17.12
N MET A 129 -29.50 28.92 -17.57
CA MET A 129 -28.64 27.81 -18.02
C MET A 129 -29.31 27.11 -19.18
N ILE A 130 -28.51 26.87 -20.22
CA ILE A 130 -28.97 26.22 -21.43
C ILE A 130 -28.51 24.75 -21.38
N MET A 131 -29.46 23.83 -21.54
CA MET A 131 -29.17 22.39 -21.53
C MET A 131 -29.90 21.68 -22.64
N ASP A 132 -29.55 20.42 -22.85
CA ASP A 132 -30.27 19.49 -23.74
C ASP A 132 -31.78 19.50 -23.42
N ARG A 133 -32.60 19.51 -24.46
CA ARG A 133 -34.02 19.22 -24.37
C ARG A 133 -34.23 17.69 -24.47
N PHE A 134 -35.11 17.16 -23.64
CA PHE A 134 -35.44 15.73 -23.65
C PHE A 134 -36.90 15.47 -24.00
N GLY A 135 -37.22 14.20 -24.22
CA GLY A 135 -38.60 13.75 -24.36
C GLY A 135 -39.24 13.44 -23.02
N SER A 136 -40.02 12.37 -22.98
CA SER A 136 -40.85 12.06 -21.83
C SER A 136 -40.02 11.60 -20.64
N ASP A 137 -40.54 11.84 -19.44
CA ASP A 137 -39.99 11.21 -18.24
C ASP A 137 -40.50 9.77 -18.16
N LEU A 138 -39.78 8.92 -17.42
CA LEU A 138 -40.18 7.54 -17.27
C LEU A 138 -41.39 7.34 -16.39
N GLN A 139 -41.69 8.28 -15.48
CA GLN A 139 -42.84 8.13 -14.57
C GLN A 139 -44.15 8.11 -15.38
N LYS A 140 -44.26 8.98 -16.40
CA LYS A 140 -45.43 9.01 -17.29
C LYS A 140 -45.62 7.67 -18.00
N ILE A 141 -44.53 7.14 -18.55
CA ILE A 141 -44.55 5.89 -19.30
C ILE A 141 -44.88 4.71 -18.36
N TYR A 142 -44.30 4.73 -17.16
CA TYR A 142 -44.60 3.73 -16.11
C TYR A 142 -46.09 3.73 -15.75
N GLU A 143 -46.65 4.91 -15.51
CA GLU A 143 -48.05 5.01 -15.15
C GLU A 143 -48.97 4.55 -16.31
N ALA A 144 -48.59 4.89 -17.53
CA ALA A 144 -49.32 4.44 -18.73
C ALA A 144 -49.24 2.93 -18.93
N ASN A 145 -48.23 2.28 -18.36
CA ASN A 145 -48.06 0.83 -18.43
C ASN A 145 -48.60 0.11 -17.17
N ALA A 146 -49.59 0.72 -16.50
CA ALA A 146 -50.22 0.20 -15.28
C ALA A 146 -49.19 -0.04 -14.15
N LYS A 147 -48.23 0.89 -14.05
CA LYS A 147 -47.19 0.86 -13.02
C LYS A 147 -46.40 -0.43 -12.98
N ARG A 148 -45.93 -0.84 -14.15
CA ARG A 148 -44.95 -1.90 -14.28
C ARG A 148 -43.98 -1.57 -15.39
N PHE A 149 -42.73 -1.97 -15.21
CA PHE A 149 -41.78 -2.18 -16.29
C PHE A 149 -41.39 -3.63 -16.25
N SER A 150 -41.10 -4.18 -17.42
CA SER A 150 -40.66 -5.57 -17.54
C SER A 150 -39.28 -5.74 -16.94
N ARG A 151 -38.93 -6.99 -16.66
CA ARG A 151 -37.60 -7.31 -16.19
C ARG A 151 -36.50 -6.85 -17.15
N LYS A 152 -36.72 -7.09 -18.45
CA LYS A 152 -35.82 -6.60 -19.51
C LYS A 152 -35.58 -5.09 -19.39
N THR A 153 -36.66 -4.34 -19.35
CA THR A 153 -36.62 -2.90 -19.23
C THR A 153 -35.87 -2.45 -17.97
N VAL A 154 -36.20 -3.05 -16.83
CA VAL A 154 -35.58 -2.64 -15.56
C VAL A 154 -34.08 -2.89 -15.61
N LEU A 155 -33.67 -4.02 -16.14
CA LEU A 155 -32.26 -4.32 -16.22
C LEU A 155 -31.53 -3.37 -17.16
N GLN A 156 -32.13 -3.07 -18.31
CA GLN A 156 -31.51 -2.14 -19.27
C GLN A 156 -31.45 -0.70 -18.73
N LEU A 157 -32.51 -0.25 -18.08
CA LEU A 157 -32.50 1.06 -17.39
C LEU A 157 -31.39 1.10 -16.36
N SER A 158 -31.30 0.06 -15.54
CA SER A 158 -30.38 0.04 -14.43
C SER A 158 -28.93 -0.01 -14.83
N LEU A 159 -28.61 -0.73 -15.91
CA LEU A 159 -27.27 -0.73 -16.45
C LEU A 159 -26.82 0.69 -16.85
N ARG A 160 -27.71 1.44 -17.48
CA ARG A 160 -27.39 2.80 -17.94
C ARG A 160 -27.33 3.77 -16.78
N ILE A 161 -28.17 3.54 -15.77
CA ILE A 161 -28.11 4.35 -14.54
C ILE A 161 -26.80 4.09 -13.80
N LEU A 162 -26.34 2.84 -13.75
CA LEU A 162 -25.03 2.55 -13.18
C LEU A 162 -23.88 3.27 -13.89
N ASP A 163 -23.96 3.37 -15.21
CA ASP A 163 -22.96 4.17 -15.96
C ASP A 163 -23.00 5.64 -15.53
N ILE A 164 -24.20 6.19 -15.39
CA ILE A 164 -24.35 7.60 -14.98
C ILE A 164 -23.81 7.80 -13.58
N LEU A 165 -24.19 6.91 -12.65
CA LEU A 165 -23.75 7.04 -11.28
C LEU A 165 -22.25 6.93 -11.15
N GLU A 166 -21.64 5.98 -11.88
CA GLU A 166 -20.19 5.87 -11.86
C GLU A 166 -19.54 7.17 -12.30
N TYR A 167 -20.05 7.72 -13.38
CA TYR A 167 -19.54 9.00 -13.91
C TYR A 167 -19.59 10.14 -12.90
N ILE A 168 -20.77 10.44 -12.39
CA ILE A 168 -20.93 11.54 -11.44
C ILE A 168 -20.14 11.33 -10.16
N HIS A 169 -20.12 10.09 -9.68
CA HIS A 169 -19.39 9.73 -8.46
C HIS A 169 -17.91 9.97 -8.67
N GLU A 170 -17.41 9.61 -9.84
CA GLU A 170 -16.01 9.85 -10.19
C GLU A 170 -15.72 11.33 -10.38
N HIS A 171 -16.75 12.15 -10.57
CA HIS A 171 -16.64 13.60 -10.64
C HIS A 171 -17.12 14.31 -9.37
N GLU A 172 -17.04 13.61 -8.23
CA GLU A 172 -17.22 14.14 -6.88
C GLU A 172 -18.65 14.38 -6.41
N TYR A 173 -19.64 13.92 -7.16
CA TYR A 173 -21.04 14.18 -6.85
C TYR A 173 -21.86 12.89 -6.67
N VAL A 174 -22.85 12.98 -5.78
CA VAL A 174 -23.94 12.01 -5.73
C VAL A 174 -25.22 12.75 -6.04
N HIS A 175 -26.21 11.99 -6.53
CA HIS A 175 -27.47 12.59 -6.95
C HIS A 175 -28.48 12.66 -5.81
N GLY A 176 -28.63 11.53 -5.10
CA GLY A 176 -29.49 11.44 -3.92
C GLY A 176 -30.99 11.38 -4.18
N ASP A 177 -31.42 11.38 -5.45
CA ASP A 177 -32.85 11.48 -5.75
C ASP A 177 -33.20 10.83 -7.09
N ILE A 178 -32.62 9.66 -7.32
CA ILE A 178 -32.92 8.87 -8.49
C ILE A 178 -34.37 8.34 -8.38
N LYS A 179 -35.14 8.55 -9.44
CA LYS A 179 -36.51 8.07 -9.55
C LYS A 179 -36.98 8.31 -10.98
N ALA A 180 -38.08 7.66 -11.36
CA ALA A 180 -38.58 7.71 -12.72
C ALA A 180 -38.90 9.11 -13.23
N SER A 181 -39.39 9.99 -12.37
CA SER A 181 -39.66 11.37 -12.77
C SER A 181 -38.39 12.20 -13.08
N ASN A 182 -37.23 11.73 -12.62
CA ASN A 182 -35.92 12.33 -12.92
C ASN A 182 -35.16 11.58 -14.01
N LEU A 183 -35.84 10.66 -14.71
CA LEU A 183 -35.23 9.92 -15.79
C LEU A 183 -35.98 10.28 -17.07
N LEU A 184 -35.29 10.87 -18.02
CA LEU A 184 -35.93 11.40 -19.25
C LEU A 184 -35.29 10.75 -20.44
N LEU A 185 -36.11 10.54 -21.47
CA LEU A 185 -35.65 9.92 -22.69
C LEU A 185 -35.04 10.96 -23.62
N ASN A 186 -34.02 10.55 -24.34
CA ASN A 186 -33.44 11.34 -25.42
C ASN A 186 -34.60 11.66 -26.39
N TYR A 187 -34.69 12.93 -26.77
CA TYR A 187 -35.77 13.42 -27.61
C TYR A 187 -35.80 12.72 -28.97
N LYS A 188 -34.63 12.40 -29.51
CA LYS A 188 -34.51 11.75 -30.83
C LYS A 188 -34.32 10.22 -30.74
N ASN A 189 -34.07 9.66 -29.55
CA ASN A 189 -33.79 8.22 -29.40
C ASN A 189 -34.40 7.68 -28.09
N PRO A 190 -35.57 7.02 -28.18
CA PRO A 190 -36.24 6.52 -26.97
C PRO A 190 -35.60 5.30 -26.27
N ASP A 191 -34.47 4.82 -26.76
CA ASP A 191 -33.66 3.84 -26.05
C ASP A 191 -32.51 4.43 -25.21
N GLN A 192 -32.44 5.77 -25.11
CA GLN A 192 -31.38 6.41 -24.31
C GLN A 192 -32.05 7.19 -23.17
N VAL A 193 -31.70 6.81 -21.95
CA VAL A 193 -32.28 7.42 -20.77
C VAL A 193 -31.23 8.30 -20.10
N TYR A 194 -31.67 9.47 -19.64
CA TYR A 194 -30.81 10.46 -18.99
C TYR A 194 -31.32 10.74 -17.56
N LEU A 195 -30.39 10.94 -16.64
CA LEU A 195 -30.73 11.36 -15.27
C LEU A 195 -30.62 12.88 -15.17
N VAL A 196 -31.70 13.53 -14.74
CA VAL A 196 -31.77 14.98 -14.63
C VAL A 196 -31.97 15.41 -13.19
N ASP A 197 -31.93 16.74 -12.99
CA ASP A 197 -32.15 17.42 -11.73
C ASP A 197 -31.01 17.27 -10.74
N TYR A 198 -30.06 18.23 -10.83
CA TYR A 198 -28.91 18.25 -9.94
C TYR A 198 -28.98 19.43 -8.98
N GLY A 199 -30.17 19.99 -8.81
CA GLY A 199 -30.36 21.17 -7.93
C GLY A 199 -30.03 20.87 -6.47
N LEU A 200 -30.29 19.64 -6.05
CA LEU A 200 -29.97 19.17 -4.71
C LEU A 200 -28.95 18.02 -4.76
N ALA A 201 -28.13 17.97 -5.80
CA ALA A 201 -27.01 17.06 -5.85
C ALA A 201 -26.01 17.50 -4.82
N TYR A 202 -25.17 16.57 -4.40
CA TYR A 202 -24.23 16.84 -3.35
C TYR A 202 -22.81 16.49 -3.71
N ARG A 203 -21.88 17.38 -3.44
CA ARG A 203 -20.50 17.09 -3.72
C ARG A 203 -19.96 16.41 -2.46
N TYR A 204 -19.94 15.09 -2.49
CA TYR A 204 -19.51 14.26 -1.38
C TYR A 204 -17.99 14.12 -1.23
N CYS A 205 -17.24 14.50 -2.24
CA CYS A 205 -15.81 14.29 -2.24
C CYS A 205 -15.04 15.51 -2.82
N PRO A 206 -15.30 16.72 -2.33
CA PRO A 206 -14.66 17.90 -2.99
C PRO A 206 -13.15 17.81 -2.86
N GLU A 207 -12.46 17.94 -4.00
CA GLU A 207 -11.01 17.84 -4.09
C GLU A 207 -10.47 16.55 -3.48
N GLY A 208 -11.22 15.46 -3.64
CA GLY A 208 -10.81 14.15 -3.17
C GLY A 208 -10.92 13.89 -1.68
N VAL A 209 -11.52 14.78 -0.92
CA VAL A 209 -11.70 14.60 0.52
C VAL A 209 -13.16 14.19 0.81
N HIS A 210 -13.36 12.93 1.22
CA HIS A 210 -14.72 12.40 1.47
C HIS A 210 -15.32 13.06 2.71
N LYS A 211 -16.57 13.47 2.59
CA LYS A 211 -17.33 13.97 3.71
C LYS A 211 -17.40 12.92 4.83
N ALA A 212 -17.42 13.43 6.05
CA ALA A 212 -17.52 12.61 7.25
C ALA A 212 -18.92 12.04 7.42
N TYR A 213 -19.05 11.03 8.26
CA TYR A 213 -20.33 10.39 8.49
C TYR A 213 -21.15 11.18 9.48
N ALA A 214 -21.74 12.26 8.99
CA ALA A 214 -22.56 13.15 9.77
C ALA A 214 -23.40 14.05 8.88
N ALA A 215 -24.40 14.67 9.47
CA ALA A 215 -25.14 15.72 8.77
C ALA A 215 -24.21 16.80 8.22
N ASP A 216 -24.61 17.44 7.14
CA ASP A 216 -23.96 18.63 6.61
C ASP A 216 -24.95 19.80 6.79
N PRO A 217 -24.61 20.80 7.65
CA PRO A 217 -25.55 21.90 7.85
C PRO A 217 -25.92 22.67 6.58
N LYS A 218 -25.05 22.66 5.57
CA LYS A 218 -25.36 23.24 4.26
C LYS A 218 -26.47 22.51 3.49
N ARG A 219 -26.80 21.28 3.85
CA ARG A 219 -27.76 20.47 3.08
C ARG A 219 -29.05 20.22 3.85
N CYS A 220 -30.20 20.61 3.28
CA CYS A 220 -31.52 20.33 3.93
C CYS A 220 -32.29 19.12 3.39
N HIS A 221 -31.95 18.68 2.17
CA HIS A 221 -32.71 17.67 1.47
C HIS A 221 -32.41 16.25 1.97
N ASP A 222 -33.50 15.49 2.07
CA ASP A 222 -33.50 14.13 2.57
C ASP A 222 -33.83 13.11 1.48
N GLY A 223 -33.97 13.59 0.24
CA GLY A 223 -34.40 12.77 -0.89
C GLY A 223 -35.92 12.63 -1.03
N THR A 224 -36.35 11.62 -1.77
CA THR A 224 -37.78 11.30 -1.91
C THR A 224 -38.02 10.12 -0.96
N ILE A 225 -38.91 10.30 -0.01
CA ILE A 225 -38.98 9.41 1.14
C ILE A 225 -39.12 7.92 0.79
N GLU A 226 -39.93 7.58 -0.20
CA GLU A 226 -40.10 6.14 -0.50
C GLU A 226 -38.85 5.49 -1.07
N PHE A 227 -37.98 6.27 -1.69
CA PHE A 227 -36.77 5.74 -2.35
C PHE A 227 -35.46 6.06 -1.66
N THR A 228 -35.45 6.98 -0.67
CA THR A 228 -34.20 7.51 -0.16
C THR A 228 -33.41 6.46 0.63
N SER A 229 -32.13 6.72 0.82
CA SER A 229 -31.23 5.77 1.50
C SER A 229 -31.42 5.78 3.01
N ILE A 230 -31.02 4.68 3.62
CA ILE A 230 -30.95 4.57 5.07
C ILE A 230 -30.03 5.69 5.63
N ASP A 231 -28.89 5.95 5.00
CA ASP A 231 -28.02 7.07 5.39
C ASP A 231 -28.80 8.38 5.49
N ALA A 232 -29.57 8.70 4.46
CA ALA A 232 -30.38 9.93 4.47
C ALA A 232 -31.39 9.91 5.61
N HIS A 233 -32.05 8.76 5.83
CA HIS A 233 -32.99 8.65 6.94
C HIS A 233 -32.30 8.86 8.28
N ASN A 234 -31.04 8.45 8.40
CA ASN A 234 -30.23 8.65 9.61
C ASN A 234 -29.67 10.09 9.79
N GLY A 235 -29.97 10.97 8.87
CA GLY A 235 -29.58 12.37 8.94
C GLY A 235 -28.18 12.62 8.48
N VAL A 236 -27.53 11.71 7.79
CA VAL A 236 -26.17 12.00 7.34
C VAL A 236 -26.23 12.39 5.87
N ALA A 237 -25.18 13.07 5.48
CA ALA A 237 -25.04 13.47 4.09
C ALA A 237 -25.03 12.24 3.17
N PRO A 238 -25.61 12.37 1.98
CA PRO A 238 -25.60 11.24 1.04
C PRO A 238 -24.19 10.90 0.54
N SER A 239 -23.94 9.63 0.29
CA SER A 239 -22.70 9.17 -0.34
C SER A 239 -23.01 8.15 -1.43
N ARG A 240 -21.98 7.50 -1.95
CA ARG A 240 -22.14 6.67 -3.12
C ARG A 240 -23.04 5.48 -2.87
N ARG A 241 -22.90 4.85 -1.73
CA ARG A 241 -23.72 3.65 -1.45
C ARG A 241 -25.21 4.01 -1.45
N GLY A 242 -25.53 5.20 -0.94
CA GLY A 242 -26.88 5.70 -0.94
C GLY A 242 -27.51 5.76 -2.31
N ASP A 243 -26.76 6.27 -3.30
CA ASP A 243 -27.31 6.33 -4.66
C ASP A 243 -27.64 4.92 -5.19
N LEU A 244 -26.79 3.95 -4.88
CA LEU A 244 -27.00 2.57 -5.33
C LEU A 244 -28.19 1.92 -4.61
N GLU A 245 -28.35 2.25 -3.34
CA GLU A 245 -29.50 1.81 -2.58
C GLU A 245 -30.82 2.36 -3.15
N ILE A 246 -30.82 3.65 -3.49
CA ILE A 246 -31.96 4.30 -4.09
C ILE A 246 -32.36 3.57 -5.38
N LEU A 247 -31.36 3.28 -6.22
CA LEU A 247 -31.62 2.54 -7.44
C LEU A 247 -32.27 1.13 -7.15
N GLY A 248 -31.78 0.48 -6.11
CA GLY A 248 -32.38 -0.78 -5.65
C GLY A 248 -33.88 -0.68 -5.39
N TYR A 249 -34.27 0.34 -4.64
CA TYR A 249 -35.68 0.55 -4.35
C TYR A 249 -36.49 0.88 -5.61
N CYS A 250 -35.90 1.70 -6.49
CA CYS A 250 -36.53 1.97 -7.77
C CYS A 250 -36.80 0.66 -8.58
N MET A 251 -35.82 -0.22 -8.62
CA MET A 251 -35.93 -1.45 -9.40
C MET A 251 -37.13 -2.28 -8.88
N ILE A 252 -37.26 -2.37 -7.57
CA ILE A 252 -38.38 -3.12 -7.00
C ILE A 252 -39.73 -2.47 -7.33
N GLN A 253 -39.82 -1.15 -7.13
CA GLN A 253 -40.98 -0.36 -7.48
C GLN A 253 -41.40 -0.60 -8.94
N TRP A 254 -40.41 -0.55 -9.83
CA TRP A 254 -40.66 -0.69 -11.26
C TRP A 254 -41.14 -2.10 -11.62
N LEU A 255 -40.50 -3.12 -11.03
CA LEU A 255 -40.82 -4.50 -11.31
C LEU A 255 -42.22 -4.90 -10.80
N THR A 256 -42.60 -4.38 -9.62
CA THR A 256 -43.75 -4.92 -8.90
C THR A 256 -44.92 -3.95 -8.76
N GLY A 257 -44.70 -2.68 -9.06
CA GLY A 257 -45.69 -1.64 -8.78
C GLY A 257 -45.80 -1.13 -7.36
N HIS A 258 -45.01 -1.67 -6.44
CA HIS A 258 -45.14 -1.37 -5.01
C HIS A 258 -43.80 -1.34 -4.27
N LEU A 259 -43.81 -0.72 -3.11
CA LEU A 259 -42.80 -0.95 -2.08
C LEU A 259 -43.52 -1.22 -0.75
N PRO A 260 -42.91 -2.02 0.12
CA PRO A 260 -43.62 -2.43 1.36
C PRO A 260 -44.06 -1.29 2.28
N TRP A 261 -43.33 -0.17 2.26
CA TRP A 261 -43.57 0.96 3.15
C TRP A 261 -44.43 2.06 2.53
N GLU A 262 -44.99 1.83 1.35
CA GLU A 262 -45.66 2.87 0.57
C GLU A 262 -46.96 3.40 1.18
N ASP A 263 -47.56 2.68 2.11
CA ASP A 263 -48.77 3.20 2.81
C ASP A 263 -48.46 4.01 4.07
N ASN A 264 -47.20 4.21 4.38
CA ASN A 264 -46.76 4.85 5.60
C ASN A 264 -45.75 6.00 5.34
N LEU A 265 -45.85 6.68 4.18
CA LEU A 265 -44.82 7.62 3.79
C LEU A 265 -44.89 8.92 4.60
N LYS A 266 -45.99 9.17 5.30
CA LYS A 266 -46.05 10.30 6.23
C LYS A 266 -45.33 10.04 7.56
N ASP A 267 -44.84 8.83 7.78
CA ASP A 267 -44.16 8.45 9.00
C ASP A 267 -42.71 8.03 8.68
N PRO A 268 -41.77 8.98 8.67
CA PRO A 268 -40.41 8.65 8.26
C PRO A 268 -39.73 7.59 9.11
N LYS A 269 -40.02 7.55 10.40
CA LYS A 269 -39.40 6.54 11.27
C LYS A 269 -39.87 5.12 10.89
N TYR A 270 -41.12 4.98 10.49
CA TYR A 270 -41.63 3.70 9.99
C TYR A 270 -40.92 3.26 8.67
N VAL A 271 -40.78 4.21 7.76
CA VAL A 271 -40.11 3.93 6.49
C VAL A 271 -38.67 3.50 6.76
N ARG A 272 -37.95 4.23 7.60
CA ARG A 272 -36.58 3.88 7.93
C ARG A 272 -36.52 2.51 8.57
N ASP A 273 -37.38 2.27 9.56
CA ASP A 273 -37.38 0.98 10.28
C ASP A 273 -37.55 -0.21 9.31
N SER A 274 -38.51 -0.03 8.39
CA SER A 274 -38.77 -1.04 7.38
C SER A 274 -37.56 -1.28 6.48
N LYS A 275 -36.96 -0.20 5.97
CA LYS A 275 -35.77 -0.35 5.14
C LYS A 275 -34.63 -1.06 5.86
N ILE A 276 -34.41 -0.70 7.12
CA ILE A 276 -33.33 -1.31 7.91
C ILE A 276 -33.60 -2.81 8.06
N ARG A 277 -34.83 -3.14 8.44
CA ARG A 277 -35.20 -4.56 8.62
C ARG A 277 -35.01 -5.39 7.33
N TYR A 278 -35.43 -4.81 6.22
CA TYR A 278 -35.31 -5.47 4.91
C TYR A 278 -33.92 -5.50 4.34
N ARG A 279 -33.02 -4.61 4.79
CA ARG A 279 -31.62 -4.73 4.46
C ARG A 279 -30.96 -5.83 5.27
N GLU A 280 -31.29 -5.93 6.56
CA GLU A 280 -30.77 -6.99 7.39
C GLU A 280 -31.21 -8.37 6.90
N ASN A 281 -32.42 -8.46 6.35
CA ASN A 281 -33.00 -9.74 5.85
C ASN A 281 -33.56 -9.57 4.43
N ILE A 282 -32.66 -9.60 3.46
CA ILE A 282 -33.02 -9.36 2.05
C ILE A 282 -33.97 -10.45 1.51
N ALA A 283 -33.79 -11.69 1.94
CA ALA A 283 -34.73 -12.77 1.57
C ALA A 283 -36.17 -12.44 1.95
N SER A 284 -36.38 -11.82 3.12
CA SER A 284 -37.72 -11.39 3.52
C SER A 284 -38.25 -10.27 2.62
N LEU A 285 -37.37 -9.42 2.11
CA LEU A 285 -37.83 -8.41 1.16
C LEU A 285 -38.30 -9.06 -0.15
N MET A 286 -37.53 -10.02 -0.62
CA MET A 286 -37.87 -10.72 -1.84
C MET A 286 -39.21 -11.49 -1.67
N ASP A 287 -39.42 -12.11 -0.51
CA ASP A 287 -40.68 -12.79 -0.20
C ASP A 287 -41.85 -11.83 -0.16
N LYS A 288 -41.62 -10.65 0.42
CA LYS A 288 -42.65 -9.64 0.51
C LYS A 288 -43.07 -9.08 -0.86
N CYS A 289 -42.08 -8.78 -1.71
CA CYS A 289 -42.31 -8.02 -2.93
C CYS A 289 -42.64 -8.89 -4.15
N PHE A 290 -42.20 -10.15 -4.14
CA PHE A 290 -42.39 -11.01 -5.29
C PHE A 290 -43.25 -12.23 -4.93
N PRO A 291 -43.88 -12.88 -5.95
CA PRO A 291 -44.57 -14.16 -5.69
C PRO A 291 -43.63 -15.23 -5.11
N ALA A 292 -44.22 -16.07 -4.25
CA ALA A 292 -43.41 -16.99 -3.47
C ALA A 292 -42.58 -17.83 -4.42
N ALA A 293 -41.28 -17.91 -4.11
CA ALA A 293 -40.30 -18.69 -4.85
C ALA A 293 -40.11 -18.21 -6.27
N ASN A 294 -40.55 -16.99 -6.56
CA ASN A 294 -40.37 -16.46 -7.90
C ASN A 294 -39.85 -15.04 -7.86
N ALA A 295 -38.62 -14.86 -7.38
CA ALA A 295 -38.04 -13.53 -7.30
C ALA A 295 -36.84 -13.44 -8.18
N PRO A 296 -36.67 -12.33 -8.90
CA PRO A 296 -35.46 -12.24 -9.73
C PRO A 296 -34.19 -12.19 -8.89
N GLY A 297 -33.36 -13.21 -9.08
CA GLY A 297 -32.19 -13.39 -8.25
C GLY A 297 -31.19 -12.27 -8.32
N GLU A 298 -31.11 -11.60 -9.47
CA GLU A 298 -30.16 -10.47 -9.63
C GLU A 298 -30.48 -9.27 -8.71
N ILE A 299 -31.75 -9.07 -8.38
CA ILE A 299 -32.16 -7.98 -7.50
C ILE A 299 -31.64 -8.21 -6.09
N ALA A 300 -31.81 -9.46 -5.61
CA ALA A 300 -31.29 -9.80 -4.31
C ALA A 300 -29.77 -9.69 -4.28
N LYS A 301 -29.09 -10.17 -5.32
CA LYS A 301 -27.62 -10.13 -5.37
C LYS A 301 -27.11 -8.68 -5.41
N TYR A 302 -27.83 -7.85 -6.16
CA TYR A 302 -27.54 -6.39 -6.24
C TYR A 302 -27.59 -5.81 -4.84
N MET A 303 -28.69 -6.08 -4.10
CA MET A 303 -28.86 -5.51 -2.77
C MET A 303 -27.86 -6.02 -1.77
N GLU A 304 -27.48 -7.31 -1.87
CA GLU A 304 -26.46 -7.88 -1.00
C GLU A 304 -25.11 -7.21 -1.26
N THR A 305 -24.80 -6.93 -2.52
CA THR A 305 -23.53 -6.30 -2.84
C THR A 305 -23.45 -4.86 -2.30
N VAL A 306 -24.54 -4.11 -2.48
CA VAL A 306 -24.63 -2.73 -1.97
C VAL A 306 -24.57 -2.73 -0.43
N LYS A 307 -25.22 -3.70 0.20
CA LYS A 307 -25.17 -3.85 1.66
C LYS A 307 -23.76 -3.95 2.21
N LEU A 308 -22.86 -4.54 1.43
CA LEU A 308 -21.45 -4.67 1.85
C LEU A 308 -20.63 -3.37 1.78
N LEU A 309 -21.16 -2.32 1.17
CA LEU A 309 -20.41 -1.06 1.08
C LEU A 309 -20.44 -0.28 2.36
N ASP A 310 -19.29 0.20 2.77
CA ASP A 310 -19.16 1.19 3.85
C ASP A 310 -19.45 2.60 3.32
N TYR A 311 -19.66 3.52 4.25
CA TYR A 311 -20.09 4.87 3.91
C TYR A 311 -19.16 5.58 2.96
N THR A 312 -17.86 5.41 3.14
CA THR A 312 -16.87 6.12 2.29
C THR A 312 -16.37 5.26 1.14
N GLU A 313 -16.85 4.03 1.02
CA GLU A 313 -16.25 3.06 0.12
C GLU A 313 -16.61 3.30 -1.36
N LYS A 314 -15.63 3.12 -2.22
CA LYS A 314 -15.85 3.17 -3.65
C LYS A 314 -16.52 1.87 -4.12
N PRO A 315 -17.71 1.98 -4.74
CA PRO A 315 -18.37 0.81 -5.27
C PRO A 315 -17.62 0.13 -6.36
N LEU A 316 -17.77 -1.19 -6.47
CA LEU A 316 -17.32 -1.94 -7.62
C LEU A 316 -18.44 -1.99 -8.62
N TYR A 317 -18.48 -0.95 -9.47
CA TYR A 317 -19.59 -0.74 -10.39
C TYR A 317 -19.66 -1.86 -11.42
N GLU A 318 -18.49 -2.36 -11.84
CA GLU A 318 -18.45 -3.40 -12.88
C GLU A 318 -19.07 -4.70 -12.32
N ASN A 319 -18.82 -5.02 -11.05
CA ASN A 319 -19.48 -6.16 -10.38
C ASN A 319 -21.00 -6.01 -10.33
N LEU A 320 -21.48 -4.81 -10.03
CA LEU A 320 -22.92 -4.57 -10.02
C LEU A 320 -23.49 -4.76 -11.41
N ARG A 321 -22.78 -4.25 -12.42
CA ARG A 321 -23.23 -4.39 -13.79
C ARG A 321 -23.26 -5.87 -14.19
N ASP A 322 -22.26 -6.64 -13.77
CA ASP A 322 -22.21 -8.06 -14.10
C ASP A 322 -23.43 -8.76 -13.51
N ILE A 323 -23.75 -8.43 -12.26
CA ILE A 323 -24.97 -8.97 -11.64
C ILE A 323 -26.21 -8.75 -12.49
N LEU A 324 -26.37 -7.55 -13.01
CA LEU A 324 -27.53 -7.25 -13.82
C LEU A 324 -27.45 -7.97 -15.18
N LEU A 325 -26.25 -8.08 -15.73
CA LEU A 325 -26.04 -8.83 -17.00
C LEU A 325 -26.42 -10.32 -16.83
N GLN A 326 -26.10 -10.93 -15.68
CA GLN A 326 -26.55 -12.31 -15.36
C GLN A 326 -28.06 -12.42 -15.43
N GLY A 327 -28.77 -11.37 -15.00
CA GLY A 327 -30.23 -11.29 -15.11
C GLY A 327 -30.71 -11.31 -16.56
N LEU A 328 -30.05 -10.56 -17.42
CA LEU A 328 -30.40 -10.55 -18.83
C LEU A 328 -30.16 -11.94 -19.49
N LYS A 329 -29.04 -12.57 -19.17
CA LYS A 329 -28.77 -13.96 -19.62
C LYS A 329 -29.87 -14.91 -19.14
N ALA A 330 -30.24 -14.82 -17.86
CA ALA A 330 -31.26 -15.68 -17.28
C ALA A 330 -32.60 -15.61 -18.00
N ILE A 331 -32.96 -14.46 -18.55
CA ILE A 331 -34.19 -14.33 -19.34
C ILE A 331 -34.00 -14.53 -20.86
N GLY A 332 -32.84 -15.02 -21.27
CA GLY A 332 -32.57 -15.30 -22.69
C GLY A 332 -32.37 -14.05 -23.51
N SER A 333 -31.79 -13.00 -22.90
CA SER A 333 -31.57 -11.76 -23.62
C SER A 333 -30.13 -11.36 -23.48
N LYS A 334 -29.83 -10.13 -23.85
CA LYS A 334 -28.48 -9.57 -23.78
C LYS A 334 -28.59 -8.05 -23.68
N ASP A 335 -27.48 -7.41 -23.35
CA ASP A 335 -27.44 -5.95 -23.33
C ASP A 335 -27.30 -5.48 -24.76
N ASP A 336 -28.44 -5.25 -25.39
CA ASP A 336 -28.53 -4.75 -26.74
C ASP A 336 -28.99 -3.28 -26.73
N GLY A 337 -28.97 -2.64 -25.56
CA GLY A 337 -29.39 -1.24 -25.44
C GLY A 337 -30.85 -0.95 -25.69
N LYS A 338 -31.70 -1.98 -25.79
CA LYS A 338 -33.12 -1.78 -26.07
C LYS A 338 -33.89 -1.72 -24.76
N LEU A 339 -34.53 -0.59 -24.50
CA LEU A 339 -35.27 -0.38 -23.26
C LEU A 339 -36.64 -1.04 -23.27
N ASP A 340 -37.17 -1.35 -24.46
CA ASP A 340 -38.46 -2.06 -24.62
C ASP A 340 -39.58 -1.36 -23.89
N LEU A 341 -39.67 -0.04 -24.06
CA LEU A 341 -40.72 0.76 -23.46
C LEU A 341 -41.92 0.75 -24.42
N PHE B 23 -5.06 -47.80 8.13
CA PHE B 23 -4.17 -47.51 7.00
C PHE B 23 -2.72 -47.68 7.40
N ALA B 24 -1.88 -48.03 6.43
CA ALA B 24 -0.47 -48.25 6.67
C ALA B 24 0.34 -47.15 6.03
N VAL B 25 1.50 -46.86 6.60
CA VAL B 25 2.33 -45.80 6.07
C VAL B 25 2.67 -46.14 4.63
N GLY B 26 2.52 -45.16 3.77
CA GLY B 26 2.77 -45.32 2.36
C GLY B 26 1.57 -45.86 1.58
N GLU B 27 0.47 -46.20 2.26
CA GLU B 27 -0.68 -46.70 1.52
C GLU B 27 -1.19 -45.62 0.58
N ILE B 28 -1.58 -46.01 -0.63
CA ILE B 28 -2.06 -45.03 -1.62
C ILE B 28 -3.58 -45.10 -1.65
N ILE B 29 -4.24 -43.97 -1.42
CA ILE B 29 -5.71 -43.91 -1.47
C ILE B 29 -6.12 -42.98 -2.61
N THR B 30 -7.26 -43.30 -3.21
CA THR B 30 -7.74 -42.58 -4.38
C THR B 30 -9.07 -41.93 -4.04
N ASP B 31 -9.16 -40.62 -4.26
CA ASP B 31 -10.38 -39.89 -3.89
C ASP B 31 -11.43 -39.95 -5.03
N MET B 32 -12.57 -39.31 -4.79
CA MET B 32 -13.66 -39.31 -5.76
C MET B 32 -13.34 -38.63 -7.09
N ALA B 33 -12.36 -37.74 -7.11
CA ALA B 33 -11.90 -37.10 -8.33
C ALA B 33 -10.77 -37.90 -8.99
N ALA B 34 -10.53 -39.12 -8.50
CA ALA B 34 -9.45 -40.01 -8.97
C ALA B 34 -8.03 -39.49 -8.72
N ALA B 35 -7.87 -38.55 -7.80
CA ALA B 35 -6.56 -38.07 -7.36
C ALA B 35 -6.01 -39.04 -6.32
N ALA B 36 -4.71 -39.32 -6.45
CA ALA B 36 -3.98 -40.22 -5.56
C ALA B 36 -3.31 -39.46 -4.42
N TRP B 37 -3.44 -40.03 -3.21
CA TRP B 37 -2.83 -39.50 -2.01
C TRP B 37 -2.07 -40.64 -1.34
N LYS B 38 -0.96 -40.25 -0.69
CA LYS B 38 -0.15 -41.22 0.07
C LYS B 38 -0.27 -40.89 1.55
N VAL B 39 -0.41 -41.94 2.35
CA VAL B 39 -0.60 -41.82 3.79
C VAL B 39 0.75 -41.84 4.53
N GLY B 40 0.89 -40.97 5.51
CA GLY B 40 2.08 -40.88 6.37
C GLY B 40 1.78 -41.37 7.78
N LEU B 41 2.48 -40.82 8.77
CA LEU B 41 2.35 -41.29 10.15
C LEU B 41 1.02 -40.87 10.77
N PRO B 42 0.46 -41.69 11.68
CA PRO B 42 -0.63 -41.21 12.52
C PRO B 42 -0.20 -40.04 13.42
N ILE B 43 -1.16 -39.25 13.89
CA ILE B 43 -0.89 -38.15 14.82
C ILE B 43 -1.95 -37.97 15.90
N CYS B 50 -9.38 -42.29 13.51
CA CYS B 50 -7.95 -41.95 13.38
C CYS B 50 -7.62 -40.84 12.35
N ILE B 51 -6.47 -40.17 12.56
CA ILE B 51 -5.99 -39.12 11.69
C ILE B 51 -4.52 -39.36 11.35
N TYR B 52 -4.20 -39.29 10.06
CA TYR B 52 -2.86 -39.50 9.55
C TYR B 52 -2.39 -38.30 8.74
N LEU B 53 -1.09 -38.07 8.72
CA LEU B 53 -0.50 -37.14 7.77
C LEU B 53 -0.72 -37.67 6.36
N ALA B 54 -0.78 -36.78 5.39
CA ALA B 54 -1.04 -37.15 4.00
C ALA B 54 -0.50 -36.11 3.05
N ASP B 55 -0.19 -36.56 1.84
CA ASP B 55 0.24 -35.67 0.77
C ASP B 55 -0.13 -36.31 -0.56
N MET B 56 -0.01 -35.51 -1.63
CA MET B 56 -0.17 -36.03 -2.98
C MET B 56 0.82 -37.19 -3.21
N ASN B 57 0.39 -38.18 -3.99
CA ASN B 57 1.24 -39.31 -4.28
C ASN B 57 2.51 -38.87 -5.03
N SER B 58 3.67 -39.36 -4.55
CA SER B 58 5.01 -38.89 -4.97
C SER B 58 6.01 -40.05 -4.98
N SER B 64 7.05 -35.33 7.94
CA SER B 64 6.59 -34.62 9.15
C SER B 64 6.02 -33.23 8.86
N ASP B 65 6.38 -32.66 7.70
CA ASP B 65 5.88 -31.35 7.24
C ASP B 65 4.75 -31.45 6.16
N ALA B 66 4.03 -32.58 6.13
CA ALA B 66 2.97 -32.81 5.14
C ALA B 66 1.92 -31.69 5.23
N PRO B 67 1.43 -31.22 4.07
CA PRO B 67 0.45 -30.14 4.08
C PRO B 67 -1.00 -30.58 4.36
N CYS B 68 -1.28 -31.89 4.39
CA CYS B 68 -2.64 -32.41 4.61
C CYS B 68 -2.66 -33.48 5.66
N VAL B 69 -3.88 -33.80 6.09
CA VAL B 69 -4.15 -34.96 6.91
C VAL B 69 -5.29 -35.74 6.28
N VAL B 70 -5.38 -37.00 6.61
CA VAL B 70 -6.51 -37.81 6.22
C VAL B 70 -7.21 -38.29 7.47
N LYS B 71 -8.53 -38.07 7.54
CA LYS B 71 -9.37 -38.57 8.61
C LYS B 71 -10.08 -39.81 8.08
N VAL B 72 -10.16 -40.86 8.90
CA VAL B 72 -10.72 -42.13 8.49
C VAL B 72 -11.69 -42.67 9.54
N GLU B 73 -12.79 -43.25 9.07
CA GLU B 73 -13.76 -43.97 9.87
C GLU B 73 -14.22 -45.20 9.07
N PRO B 74 -14.80 -46.19 9.77
CA PRO B 74 -15.49 -47.26 9.05
C PRO B 74 -16.54 -46.75 8.05
N GLY B 78 -20.83 -42.30 11.27
CA GLY B 78 -21.83 -41.24 11.15
C GLY B 78 -21.22 -39.84 11.12
N PRO B 79 -20.36 -39.50 12.11
CA PRO B 79 -19.90 -38.07 12.13
C PRO B 79 -19.13 -37.66 10.87
N LEU B 80 -18.29 -38.52 10.31
CA LEU B 80 -17.54 -38.14 9.14
C LEU B 80 -18.43 -37.94 7.93
N PHE B 81 -19.51 -38.73 7.84
CA PHE B 81 -20.51 -38.52 6.78
C PHE B 81 -21.20 -37.17 6.95
N THR B 82 -21.63 -36.86 8.16
CA THR B 82 -22.21 -35.55 8.46
C THR B 82 -21.25 -34.40 8.12
N GLU B 83 -20.00 -34.54 8.51
CA GLU B 83 -18.96 -33.54 8.28
C GLU B 83 -18.73 -33.35 6.77
N LEU B 84 -18.63 -34.46 6.05
CA LEU B 84 -18.46 -34.40 4.62
C LEU B 84 -19.60 -33.67 3.93
N LYS B 85 -20.83 -33.93 4.35
CA LYS B 85 -21.97 -33.19 3.82
C LYS B 85 -21.93 -31.69 4.15
N PHE B 86 -21.48 -31.32 5.35
CA PHE B 86 -21.21 -29.89 5.67
C PHE B 86 -20.25 -29.30 4.65
N TYR B 87 -19.11 -29.94 4.49
CA TYR B 87 -18.07 -29.40 3.59
C TYR B 87 -18.54 -29.29 2.15
N GLN B 88 -19.24 -30.31 1.67
CA GLN B 88 -19.75 -30.30 0.29
C GLN B 88 -20.80 -29.26 0.06
N ARG B 89 -21.65 -29.03 1.04
CA ARG B 89 -22.69 -28.04 0.87
C ARG B 89 -22.33 -26.58 1.18
N ALA B 90 -21.45 -26.38 2.16
CA ALA B 90 -21.26 -25.04 2.75
C ALA B 90 -19.82 -24.55 2.81
N ALA B 91 -18.84 -25.45 2.57
CA ALA B 91 -17.46 -25.06 2.76
C ALA B 91 -16.59 -25.49 1.63
N LYS B 92 -17.11 -25.35 0.42
CA LYS B 92 -16.29 -25.57 -0.77
C LYS B 92 -15.24 -24.45 -0.84
N PRO B 93 -14.03 -24.78 -1.30
CA PRO B 93 -13.01 -23.76 -1.49
C PRO B 93 -13.44 -22.48 -2.16
N GLU B 94 -14.25 -22.54 -3.20
CA GLU B 94 -14.68 -21.29 -3.89
C GLU B 94 -15.70 -20.46 -3.11
N GLN B 95 -16.52 -21.14 -2.31
CA GLN B 95 -17.45 -20.46 -1.38
C GLN B 95 -16.66 -19.67 -0.31
N ILE B 96 -15.65 -20.30 0.25
CA ILE B 96 -14.78 -19.66 1.23
C ILE B 96 -14.02 -18.47 0.60
N GLN B 97 -13.43 -18.69 -0.57
CA GLN B 97 -12.66 -17.62 -1.23
C GLN B 97 -13.55 -16.45 -1.60
N LYS B 98 -14.77 -16.72 -2.09
CA LYS B 98 -15.71 -15.64 -2.36
C LYS B 98 -16.03 -14.82 -1.12
N TRP B 99 -16.22 -15.45 0.03
CA TRP B 99 -16.51 -14.74 1.25
C TRP B 99 -15.34 -13.89 1.69
N ILE B 100 -14.14 -14.43 1.60
CA ILE B 100 -12.96 -13.70 2.01
C ILE B 100 -12.83 -12.44 1.16
N ARG B 101 -13.05 -12.58 -0.13
CA ARG B 101 -12.97 -11.44 -1.03
C ARG B 101 -14.05 -10.38 -0.80
N THR B 102 -15.30 -10.83 -0.72
CA THR B 102 -16.43 -9.92 -0.53
C THR B 102 -16.46 -9.20 0.82
N ARG B 103 -16.07 -9.92 1.86
CA ARG B 103 -16.06 -9.35 3.21
CA ARG B 103 -16.06 -9.35 3.21
C ARG B 103 -14.71 -8.70 3.53
N LYS B 104 -13.77 -8.70 2.59
CA LYS B 104 -12.46 -8.05 2.76
C LYS B 104 -11.70 -8.55 3.99
N LEU B 105 -11.64 -9.88 4.15
CA LEU B 105 -10.94 -10.50 5.26
C LEU B 105 -9.51 -10.82 4.85
N LYS B 106 -8.64 -10.92 5.83
CA LYS B 106 -7.27 -11.41 5.63
C LYS B 106 -7.28 -12.90 5.39
N TYR B 107 -8.13 -13.62 6.13
CA TYR B 107 -8.26 -15.06 5.96
C TYR B 107 -9.63 -15.46 6.55
N LEU B 108 -10.02 -16.72 6.38
CA LEU B 108 -11.21 -17.25 7.09
C LEU B 108 -10.85 -18.59 7.68
N GLY B 109 -11.05 -18.76 8.98
CA GLY B 109 -10.66 -19.98 9.68
C GLY B 109 -11.58 -21.18 9.52
N VAL B 110 -12.02 -21.46 8.31
CA VAL B 110 -12.75 -22.68 7.96
C VAL B 110 -11.75 -23.52 7.19
N PRO B 111 -11.45 -24.75 7.65
CA PRO B 111 -10.46 -25.59 6.95
C PRO B 111 -10.78 -25.85 5.52
N LYS B 112 -9.73 -25.99 4.71
CA LYS B 112 -9.94 -26.40 3.31
C LYS B 112 -10.11 -27.91 3.23
N TYR B 113 -11.12 -28.29 2.48
CA TYR B 113 -11.49 -29.65 2.17
C TYR B 113 -10.82 -29.94 0.81
N TRP B 114 -10.04 -31.00 0.77
CA TRP B 114 -9.26 -31.36 -0.43
C TRP B 114 -9.79 -32.59 -1.17
N GLY B 115 -10.59 -33.44 -0.51
CA GLY B 115 -11.19 -34.56 -1.18
C GLY B 115 -11.65 -35.61 -0.22
N SER B 116 -12.33 -36.61 -0.76
CA SER B 116 -12.82 -37.71 0.07
C SER B 116 -13.01 -38.95 -0.79
N GLY B 117 -13.20 -40.07 -0.11
CA GLY B 117 -13.39 -41.31 -0.80
C GLY B 117 -13.75 -42.47 0.10
N LEU B 118 -13.63 -43.64 -0.49
CA LEU B 118 -13.82 -44.91 0.16
C LEU B 118 -12.57 -45.72 -0.11
N HIS B 119 -12.14 -46.47 0.90
CA HIS B 119 -10.97 -47.30 0.81
C HIS B 119 -11.27 -48.62 1.50
N ASP B 120 -11.10 -49.74 0.78
CA ASP B 120 -11.56 -51.03 1.20
C ASP B 120 -10.41 -51.81 1.88
N LYS B 121 -10.78 -52.63 2.88
CA LYS B 121 -9.87 -53.59 3.53
C LYS B 121 -10.65 -54.64 4.32
N TYR B 126 -13.85 -48.46 4.52
CA TYR B 126 -13.55 -47.21 5.24
C TYR B 126 -13.85 -45.97 4.40
N ARG B 127 -14.31 -44.92 5.08
CA ARG B 127 -14.54 -43.60 4.49
C ARG B 127 -13.41 -42.68 4.92
N PHE B 128 -12.95 -41.83 4.01
CA PHE B 128 -11.91 -40.88 4.37
C PHE B 128 -12.18 -39.48 3.83
N MET B 129 -11.55 -38.50 4.49
CA MET B 129 -11.55 -37.14 4.05
C MET B 129 -10.14 -36.55 4.19
N ILE B 130 -9.70 -35.83 3.18
CA ILE B 130 -8.42 -35.13 3.19
C ILE B 130 -8.68 -33.65 3.48
N MET B 131 -8.00 -33.12 4.51
CA MET B 131 -8.15 -31.74 4.98
C MET B 131 -6.78 -31.12 5.21
N ASP B 132 -6.78 -29.80 5.40
CA ASP B 132 -5.58 -29.05 5.76
C ASP B 132 -4.93 -29.69 6.97
N ARG B 133 -3.60 -29.72 6.95
CA ARG B 133 -2.82 -29.99 8.14
C ARG B 133 -2.62 -28.68 8.89
N PHE B 134 -2.82 -28.72 10.20
CA PHE B 134 -2.66 -27.56 11.05
C PHE B 134 -1.52 -27.76 12.05
N GLY B 135 -1.20 -26.67 12.74
CA GLY B 135 -0.29 -26.70 13.88
C GLY B 135 -1.03 -27.06 15.15
N SER B 136 -0.63 -26.43 16.24
CA SER B 136 -1.12 -26.79 17.56
C SER B 136 -2.59 -26.38 17.74
N ASP B 137 -3.30 -27.11 18.59
CA ASP B 137 -4.59 -26.64 19.09
C ASP B 137 -4.35 -25.61 20.19
N LEU B 138 -5.36 -24.78 20.45
CA LEU B 138 -5.25 -23.75 21.46
C LEU B 138 -5.29 -24.29 22.89
N GLN B 139 -5.87 -25.47 23.11
CA GLN B 139 -5.95 -26.02 24.45
C GLN B 139 -4.54 -26.33 25.00
N LYS B 140 -3.67 -26.89 24.15
CA LYS B 140 -2.26 -27.17 24.53
C LYS B 140 -1.54 -25.88 24.93
N ILE B 141 -1.69 -24.84 24.12
CA ILE B 141 -1.04 -23.55 24.35
C ILE B 141 -1.58 -22.89 25.62
N TYR B 142 -2.90 -22.97 25.81
CA TYR B 142 -3.55 -22.48 27.02
C TYR B 142 -3.01 -23.16 28.29
N GLU B 143 -2.93 -24.49 28.26
CA GLU B 143 -2.42 -25.24 29.40
C GLU B 143 -0.94 -24.91 29.68
N ALA B 144 -0.16 -24.75 28.62
CA ALA B 144 1.25 -24.34 28.76
C ALA B 144 1.42 -22.94 29.31
N ASN B 145 0.39 -22.10 29.20
CA ASN B 145 0.39 -20.74 29.72
C ASN B 145 -0.31 -20.62 31.07
N ALA B 146 -0.32 -21.71 31.84
CA ALA B 146 -0.95 -21.79 33.17
C ALA B 146 -2.46 -21.46 33.10
N LYS B 147 -3.10 -21.92 32.03
CA LYS B 147 -4.55 -21.76 31.82
C LYS B 147 -5.02 -20.32 31.87
N ARG B 148 -4.30 -19.48 31.13
CA ARG B 148 -4.72 -18.13 30.84
C ARG B 148 -4.36 -17.76 29.42
N PHE B 149 -5.23 -16.94 28.81
CA PHE B 149 -4.84 -16.12 27.68
C PHE B 149 -5.07 -14.69 28.11
N SER B 150 -4.24 -13.79 27.56
CA SER B 150 -4.37 -12.37 27.85
C SER B 150 -5.65 -11.82 27.24
N ARG B 151 -6.08 -10.66 27.73
CA ARG B 151 -7.23 -9.98 27.19
C ARG B 151 -7.08 -9.67 25.69
N LYS B 152 -5.89 -9.22 25.29
CA LYS B 152 -5.55 -9.00 23.87
C LYS B 152 -5.80 -10.26 23.05
N THR B 153 -5.23 -11.37 23.48
CA THR B 153 -5.34 -12.64 22.80
C THR B 153 -6.83 -13.09 22.70
N VAL B 154 -7.56 -12.99 23.80
CA VAL B 154 -8.95 -13.45 23.80
C VAL B 154 -9.77 -12.63 22.81
N LEU B 155 -9.56 -11.32 22.80
CA LEU B 155 -10.31 -10.47 21.89
C LEU B 155 -9.95 -10.77 20.43
N GLN B 156 -8.67 -10.97 20.15
CA GLN B 156 -8.21 -11.28 18.78
C GLN B 156 -8.71 -12.65 18.29
N LEU B 157 -8.67 -13.66 19.17
CA LEU B 157 -9.23 -14.98 18.87
C LEU B 157 -10.72 -14.84 18.56
N SER B 158 -11.43 -14.12 19.41
CA SER B 158 -12.89 -14.02 19.32
C SER B 158 -13.37 -13.28 18.08
N LEU B 159 -12.64 -12.26 17.66
CA LEU B 159 -12.96 -11.57 16.42
C LEU B 159 -12.92 -12.54 15.21
N ARG B 160 -11.90 -13.40 15.18
CA ARG B 160 -11.74 -14.34 14.08
C ARG B 160 -12.77 -15.49 14.16
N ILE B 161 -13.11 -15.86 15.38
CA ILE B 161 -14.18 -16.86 15.59
C ILE B 161 -15.54 -16.29 15.16
N LEU B 162 -15.80 -15.00 15.42
CA LEU B 162 -17.00 -14.34 14.90
C LEU B 162 -17.09 -14.37 13.38
N ASP B 163 -15.95 -14.18 12.70
CA ASP B 163 -15.92 -14.30 11.24
C ASP B 163 -16.34 -15.74 10.81
N ILE B 164 -15.79 -16.75 11.48
CA ILE B 164 -16.10 -18.13 11.14
C ILE B 164 -17.60 -18.43 11.39
N LEU B 165 -18.09 -18.00 12.56
CA LEU B 165 -19.47 -18.26 12.91
C LEU B 165 -20.44 -17.58 11.95
N GLU B 166 -20.15 -16.33 11.59
CA GLU B 166 -21.01 -15.62 10.67
C GLU B 166 -21.06 -16.37 9.33
N TYR B 167 -19.90 -16.81 8.86
CA TYR B 167 -19.81 -17.61 7.62
C TYR B 167 -20.69 -18.86 7.69
N ILE B 168 -20.46 -19.71 8.70
CA ILE B 168 -21.20 -20.97 8.73
C ILE B 168 -22.69 -20.74 8.91
N HIS B 169 -23.04 -19.77 9.78
CA HIS B 169 -24.44 -19.43 10.00
C HIS B 169 -25.13 -18.97 8.73
N GLU B 170 -24.45 -18.16 7.94
CA GLU B 170 -25.01 -17.68 6.69
C GLU B 170 -25.08 -18.79 5.64
N HIS B 171 -24.37 -19.89 5.86
CA HIS B 171 -24.47 -21.09 5.02
C HIS B 171 -25.26 -22.22 5.68
N GLU B 172 -26.20 -21.85 6.56
CA GLU B 172 -27.24 -22.72 7.12
C GLU B 172 -26.81 -23.67 8.24
N TYR B 173 -25.59 -23.52 8.77
CA TYR B 173 -25.06 -24.42 9.79
C TYR B 173 -24.65 -23.71 11.07
N VAL B 174 -24.80 -24.40 12.19
CA VAL B 174 -24.17 -24.01 13.46
C VAL B 174 -23.19 -25.11 13.88
N HIS B 175 -22.19 -24.75 14.67
CA HIS B 175 -21.14 -25.68 15.04
C HIS B 175 -21.48 -26.43 16.34
N GLY B 176 -21.91 -25.69 17.36
CA GLY B 176 -22.36 -26.28 18.63
C GLY B 176 -21.31 -26.79 19.58
N ASP B 177 -20.02 -26.64 19.24
CA ASP B 177 -18.96 -27.24 20.05
C ASP B 177 -17.64 -26.49 19.92
N ILE B 178 -17.75 -25.17 19.97
CA ILE B 178 -16.59 -24.29 19.98
C ILE B 178 -15.86 -24.48 21.31
N LYS B 179 -14.55 -24.72 21.22
CA LYS B 179 -13.67 -24.84 22.39
C LYS B 179 -12.25 -24.84 21.91
N ALA B 180 -11.32 -24.60 22.84
CA ALA B 180 -9.89 -24.49 22.50
C ALA B 180 -9.31 -25.71 21.80
N SER B 181 -9.76 -26.90 22.16
CA SER B 181 -9.29 -28.13 21.53
C SER B 181 -9.79 -28.28 20.07
N ASN B 182 -10.81 -27.53 19.68
CA ASN B 182 -11.28 -27.47 18.28
C ASN B 182 -10.80 -26.23 17.52
N LEU B 183 -9.84 -25.51 18.10
CA LEU B 183 -9.28 -24.33 17.47
C LEU B 183 -7.80 -24.62 17.20
N LEU B 184 -7.42 -24.68 15.92
CA LEU B 184 -6.05 -25.03 15.53
C LEU B 184 -5.42 -23.90 14.76
N LEU B 185 -4.10 -23.77 14.93
CA LEU B 185 -3.36 -22.72 14.24
C LEU B 185 -2.96 -23.16 12.86
N ASN B 186 -2.97 -22.24 11.91
CA ASN B 186 -2.41 -22.46 10.57
C ASN B 186 -0.95 -22.93 10.76
N TYR B 187 -0.60 -24.01 10.08
CA TYR B 187 0.72 -24.63 10.22
C TYR B 187 1.84 -23.66 9.83
N LYS B 188 1.59 -22.81 8.82
CA LYS B 188 2.58 -21.86 8.32
C LYS B 188 2.40 -20.44 8.88
N ASN B 189 1.30 -20.15 9.60
CA ASN B 189 1.05 -18.80 10.14
C ASN B 189 0.36 -18.89 11.52
N PRO B 190 1.14 -18.74 12.62
CA PRO B 190 0.56 -18.90 13.96
C PRO B 190 -0.35 -17.76 14.44
N ASP B 191 -0.60 -16.75 13.61
CA ASP B 191 -1.62 -15.74 13.90
C ASP B 191 -2.99 -16.02 13.26
N GLN B 192 -3.15 -17.18 12.62
CA GLN B 192 -4.42 -17.56 11.98
C GLN B 192 -4.98 -18.79 12.68
N VAL B 193 -6.18 -18.63 13.23
CA VAL B 193 -6.82 -19.70 13.97
C VAL B 193 -8.00 -20.24 13.15
N TYR B 194 -8.15 -21.57 13.16
CA TYR B 194 -9.19 -22.27 12.42
C TYR B 194 -10.07 -23.09 13.37
N LEU B 195 -11.37 -23.15 13.07
CA LEU B 195 -12.31 -23.97 13.83
C LEU B 195 -12.52 -25.27 13.08
N VAL B 196 -12.29 -26.39 13.77
CA VAL B 196 -12.45 -27.71 13.15
C VAL B 196 -13.57 -28.51 13.82
N ASP B 197 -13.84 -29.67 13.24
CA ASP B 197 -14.81 -30.66 13.70
C ASP B 197 -16.27 -30.26 13.48
N TYR B 198 -16.79 -30.63 12.32
CA TYR B 198 -18.18 -30.36 11.94
C TYR B 198 -18.99 -31.67 11.89
N GLY B 199 -18.48 -32.71 12.54
CA GLY B 199 -19.16 -34.01 12.57
C GLY B 199 -20.50 -34.01 13.25
N LEU B 200 -20.72 -33.11 14.20
CA LEU B 200 -22.04 -32.92 14.82
C LEU B 200 -22.56 -31.50 14.57
N ALA B 201 -22.11 -30.86 13.50
CA ALA B 201 -22.64 -29.56 13.13
C ALA B 201 -24.10 -29.79 12.68
N TYR B 202 -24.89 -28.73 12.77
CA TYR B 202 -26.32 -28.86 12.57
C TYR B 202 -26.82 -27.87 11.55
N ARG B 203 -27.57 -28.35 10.56
CA ARG B 203 -28.12 -27.47 9.54
C ARG B 203 -29.43 -26.97 10.11
N TYR B 204 -29.34 -25.80 10.71
CA TYR B 204 -30.44 -25.16 11.44
C TYR B 204 -31.44 -24.47 10.53
N CYS B 205 -31.05 -24.16 9.29
CA CYS B 205 -31.87 -23.30 8.42
C CYS B 205 -31.94 -23.85 6.98
N PRO B 206 -32.31 -25.13 6.79
CA PRO B 206 -32.26 -25.67 5.42
C PRO B 206 -33.19 -24.91 4.50
N GLU B 207 -32.62 -24.43 3.39
CA GLU B 207 -33.36 -23.64 2.40
C GLU B 207 -34.03 -22.42 3.00
N GLY B 208 -33.37 -21.82 3.99
CA GLY B 208 -33.86 -20.61 4.62
C GLY B 208 -35.02 -20.76 5.60
N VAL B 209 -35.39 -21.98 5.95
CA VAL B 209 -36.47 -22.20 6.92
C VAL B 209 -35.86 -22.61 8.27
N HIS B 210 -35.96 -21.74 9.27
CA HIS B 210 -35.36 -22.04 10.60
C HIS B 210 -36.10 -23.18 11.28
N LYS B 211 -35.33 -24.12 11.82
CA LYS B 211 -35.85 -25.17 12.70
C LYS B 211 -36.66 -24.59 13.82
N ALA B 212 -37.88 -25.11 14.07
CA ALA B 212 -38.73 -24.55 15.11
C ALA B 212 -38.24 -25.02 16.50
N TYR B 213 -38.46 -24.19 17.51
CA TYR B 213 -38.09 -24.49 18.87
C TYR B 213 -38.89 -25.68 19.37
N ALA B 214 -38.18 -26.71 19.82
CA ALA B 214 -38.83 -27.81 20.54
C ALA B 214 -37.78 -28.51 21.38
N ALA B 215 -38.20 -29.00 22.54
CA ALA B 215 -37.31 -29.69 23.45
C ALA B 215 -37.45 -31.19 23.13
N ASP B 216 -36.35 -31.82 22.77
CA ASP B 216 -36.30 -33.21 22.39
C ASP B 216 -35.43 -33.92 23.44
N PRO B 217 -36.02 -34.85 24.23
CA PRO B 217 -35.19 -35.53 25.25
C PRO B 217 -33.97 -36.25 24.71
N LYS B 218 -34.00 -36.67 23.44
CA LYS B 218 -32.84 -37.27 22.79
C LYS B 218 -31.66 -36.30 22.56
N ARG B 219 -31.90 -35.00 22.64
CA ARG B 219 -30.82 -34.00 22.45
C ARG B 219 -30.32 -33.34 23.75
N CYS B 220 -30.94 -33.62 24.91
CA CYS B 220 -30.56 -32.96 26.12
C CYS B 220 -29.07 -33.12 26.41
N HIS B 221 -28.43 -31.96 26.61
CA HIS B 221 -27.04 -31.88 27.02
C HIS B 221 -26.03 -32.23 25.97
N ASP B 222 -26.38 -32.14 24.67
CA ASP B 222 -25.42 -32.30 23.61
C ASP B 222 -24.35 -31.20 23.69
N GLY B 223 -23.24 -31.44 22.99
CA GLY B 223 -22.06 -30.55 23.02
C GLY B 223 -21.09 -30.95 24.11
N THR B 224 -20.18 -30.05 24.47
CA THR B 224 -19.23 -30.28 25.55
C THR B 224 -19.80 -29.60 26.78
N ILE B 225 -20.03 -30.38 27.84
CA ILE B 225 -20.92 -29.94 28.92
C ILE B 225 -20.52 -28.60 29.55
N GLU B 226 -19.23 -28.34 29.77
CA GLU B 226 -18.86 -27.08 30.43
C GLU B 226 -19.11 -25.84 29.57
N PHE B 227 -19.11 -26.01 28.24
CA PHE B 227 -19.26 -24.88 27.31
C PHE B 227 -20.60 -24.82 26.59
N THR B 228 -21.42 -25.88 26.63
CA THR B 228 -22.57 -25.97 25.73
C THR B 228 -23.65 -24.97 26.11
N SER B 229 -24.56 -24.70 25.18
CA SER B 229 -25.60 -23.69 25.36
C SER B 229 -26.72 -24.17 26.28
N ILE B 230 -27.42 -23.22 26.86
CA ILE B 230 -28.64 -23.53 27.61
C ILE B 230 -29.64 -24.30 26.70
N ASP B 231 -29.80 -23.83 25.45
CA ASP B 231 -30.66 -24.54 24.50
C ASP B 231 -30.29 -26.01 24.42
N ALA B 232 -29.00 -26.32 24.24
CA ALA B 232 -28.56 -27.70 24.15
C ALA B 232 -28.86 -28.48 25.41
N HIS B 233 -28.64 -27.86 26.58
CA HIS B 233 -28.98 -28.50 27.85
C HIS B 233 -30.48 -28.83 27.92
N ASN B 234 -31.31 -27.98 27.34
CA ASN B 234 -32.76 -28.17 27.31
C ASN B 234 -33.27 -29.18 26.25
N GLY B 235 -32.36 -29.77 25.49
CA GLY B 235 -32.71 -30.69 24.40
C GLY B 235 -33.24 -29.99 23.14
N VAL B 236 -32.87 -28.74 22.99
CA VAL B 236 -33.31 -27.96 21.84
C VAL B 236 -32.21 -28.03 20.80
N ALA B 237 -32.55 -28.24 19.53
CA ALA B 237 -31.54 -28.27 18.50
C ALA B 237 -30.73 -26.96 18.50
N PRO B 238 -29.41 -27.04 18.25
CA PRO B 238 -28.58 -25.84 18.41
C PRO B 238 -28.93 -24.78 17.35
N SER B 239 -28.83 -23.51 17.73
CA SER B 239 -29.07 -22.41 16.80
C SER B 239 -27.98 -21.36 16.95
N ARG B 240 -28.15 -20.24 16.28
CA ARG B 240 -27.05 -19.25 16.20
C ARG B 240 -26.72 -18.67 17.57
N ARG B 241 -27.72 -18.39 18.38
CA ARG B 241 -27.44 -17.80 19.69
C ARG B 241 -26.61 -18.72 20.56
N GLY B 242 -26.85 -20.03 20.43
CA GLY B 242 -26.10 -21.04 21.13
C GLY B 242 -24.63 -20.98 20.82
N ASP B 243 -24.27 -20.84 19.54
CA ASP B 243 -22.86 -20.75 19.18
C ASP B 243 -22.19 -19.55 19.85
N LEU B 244 -22.90 -18.42 19.90
CA LEU B 244 -22.35 -17.19 20.49
C LEU B 244 -22.25 -17.29 22.00
N GLU B 245 -23.19 -17.99 22.61
CA GLU B 245 -23.15 -18.29 24.03
C GLU B 245 -21.95 -19.15 24.38
N ILE B 246 -21.70 -20.19 23.57
CA ILE B 246 -20.58 -21.08 23.78
C ILE B 246 -19.29 -20.27 23.70
N LEU B 247 -19.17 -19.41 22.70
CA LEU B 247 -17.98 -18.54 22.60
C LEU B 247 -17.81 -17.68 23.86
N GLY B 248 -18.90 -17.14 24.40
CA GLY B 248 -18.88 -16.40 25.65
C GLY B 248 -18.29 -17.16 26.78
N TYR B 249 -18.72 -18.41 26.97
CA TYR B 249 -18.14 -19.25 28.04
C TYR B 249 -16.68 -19.53 27.79
N CYS B 250 -16.29 -19.78 26.55
CA CYS B 250 -14.89 -19.94 26.21
C CYS B 250 -14.06 -18.69 26.60
N MET B 251 -14.55 -17.51 26.28
CA MET B 251 -13.83 -16.27 26.56
C MET B 251 -13.58 -16.13 28.07
N ILE B 252 -14.60 -16.44 28.87
CA ILE B 252 -14.44 -16.35 30.32
C ILE B 252 -13.41 -17.38 30.83
N GLN B 253 -13.54 -18.63 30.37
CA GLN B 253 -12.59 -19.70 30.69
C GLN B 253 -11.16 -19.26 30.36
N TRP B 254 -10.98 -18.69 29.18
CA TRP B 254 -9.66 -18.29 28.71
C TRP B 254 -9.08 -17.14 29.54
N LEU B 255 -9.92 -16.16 29.85
CA LEU B 255 -9.47 -14.98 30.60
C LEU B 255 -9.12 -15.32 32.05
N THR B 256 -9.87 -16.23 32.68
CA THR B 256 -9.83 -16.40 34.13
C THR B 256 -9.29 -17.75 34.60
N GLY B 257 -9.17 -18.70 33.70
CA GLY B 257 -8.85 -20.08 34.05
C GLY B 257 -9.97 -20.95 34.59
N HIS B 258 -11.18 -20.40 34.73
CA HIS B 258 -12.29 -21.10 35.39
C HIS B 258 -13.66 -20.79 34.79
N LEU B 259 -14.61 -21.68 35.07
CA LEU B 259 -16.03 -21.37 34.95
C LEU B 259 -16.74 -21.79 36.25
N PRO B 260 -17.82 -21.10 36.61
CA PRO B 260 -18.43 -21.34 37.92
C PRO B 260 -18.92 -22.76 38.19
N TRP B 261 -19.31 -23.48 37.12
CA TRP B 261 -19.91 -24.81 37.23
C TRP B 261 -18.89 -25.94 37.03
N GLU B 262 -17.60 -25.61 36.94
CA GLU B 262 -16.58 -26.56 36.52
C GLU B 262 -16.32 -27.69 37.53
N ASP B 263 -16.72 -27.51 38.79
CA ASP B 263 -16.60 -28.59 39.79
C ASP B 263 -17.75 -29.58 39.81
N ASN B 264 -18.79 -29.37 39.02
CA ASN B 264 -19.89 -30.35 39.00
C ASN B 264 -20.35 -30.71 37.60
N LEU B 265 -19.37 -30.99 36.75
CA LEU B 265 -19.64 -31.37 35.35
C LEU B 265 -20.26 -32.74 35.22
N LYS B 266 -20.19 -33.56 36.26
CA LYS B 266 -20.89 -34.86 36.28
C LYS B 266 -22.39 -34.72 36.57
N ASP B 267 -22.87 -33.51 36.88
CA ASP B 267 -24.27 -33.26 37.15
C ASP B 267 -24.83 -32.27 36.09
N PRO B 268 -25.30 -32.78 34.95
CA PRO B 268 -25.71 -31.89 33.88
C PRO B 268 -26.83 -30.91 34.25
N LYS B 269 -27.76 -31.32 35.12
CA LYS B 269 -28.83 -30.43 35.55
C LYS B 269 -28.30 -29.25 36.35
N TYR B 270 -27.28 -29.47 37.18
CA TYR B 270 -26.61 -28.40 37.91
C TYR B 270 -25.92 -27.41 36.94
N VAL B 271 -25.23 -27.94 35.95
CA VAL B 271 -24.55 -27.08 34.96
C VAL B 271 -25.59 -26.22 34.23
N ARG B 272 -26.69 -26.84 33.77
CA ARG B 272 -27.76 -26.09 33.15
C ARG B 272 -28.33 -25.00 34.05
N ASP B 273 -28.63 -25.39 35.28
CA ASP B 273 -29.27 -24.46 36.21
C ASP B 273 -28.35 -23.28 36.51
N SER B 274 -27.06 -23.55 36.67
CA SER B 274 -26.06 -22.51 36.89
C SER B 274 -26.00 -21.55 35.70
N LYS B 275 -25.93 -22.08 34.48
CA LYS B 275 -25.92 -21.21 33.31
C LYS B 275 -27.18 -20.33 33.21
N ILE B 276 -28.35 -20.92 33.51
CA ILE B 276 -29.60 -20.18 33.48
C ILE B 276 -29.57 -19.05 34.51
N ARG B 277 -29.13 -19.36 35.72
CA ARG B 277 -29.04 -18.36 36.80
C ARG B 277 -28.11 -17.19 36.43
N TYR B 278 -26.98 -17.52 35.83
CA TYR B 278 -25.99 -16.53 35.39
C TYR B 278 -26.38 -15.75 34.13
N ARG B 279 -27.28 -16.29 33.33
CA ARG B 279 -27.89 -15.52 32.26
C ARG B 279 -28.94 -14.53 32.79
N GLU B 280 -29.75 -14.99 33.75
CA GLU B 280 -30.74 -14.13 34.40
C GLU B 280 -30.06 -12.96 35.12
N ASN B 281 -28.86 -13.20 35.69
CA ASN B 281 -28.14 -12.20 36.47
C ASN B 281 -26.67 -12.14 36.02
N ILE B 282 -26.44 -11.42 34.92
CA ILE B 282 -25.11 -11.34 34.32
C ILE B 282 -24.11 -10.63 35.25
N ALA B 283 -24.56 -9.62 35.98
CA ALA B 283 -23.68 -8.96 36.97
C ALA B 283 -23.12 -9.96 37.97
N SER B 284 -23.93 -10.93 38.43
CA SER B 284 -23.44 -11.96 39.32
C SER B 284 -22.42 -12.87 38.65
N LEU B 285 -22.55 -13.11 37.35
CA LEU B 285 -21.55 -13.88 36.64
C LEU B 285 -20.22 -13.14 36.61
N MET B 286 -20.28 -11.85 36.31
CA MET B 286 -19.08 -11.04 36.24
C MET B 286 -18.40 -10.99 37.63
N ASP B 287 -19.19 -10.84 38.69
CA ASP B 287 -18.67 -10.84 40.07
C ASP B 287 -18.03 -12.16 40.43
N LYS B 288 -18.65 -13.24 40.01
CA LYS B 288 -18.14 -14.58 40.28
C LYS B 288 -16.85 -14.87 39.56
N CYS B 289 -16.82 -14.64 38.26
CA CYS B 289 -15.68 -14.88 37.38
C CYS B 289 -14.47 -13.97 37.53
N PHE B 290 -14.71 -12.71 37.87
CA PHE B 290 -13.65 -11.74 38.03
C PHE B 290 -13.82 -11.18 39.44
N PRO B 291 -13.39 -11.94 40.44
CA PRO B 291 -13.58 -11.59 41.85
C PRO B 291 -12.95 -10.27 42.32
N ALA B 292 -11.71 -9.92 41.99
CA ALA B 292 -11.28 -8.56 42.34
C ALA B 292 -12.20 -7.79 41.40
N ALA B 293 -12.89 -6.76 41.87
CA ALA B 293 -13.95 -6.19 41.01
C ALA B 293 -13.53 -5.31 39.85
N ASN B 294 -12.97 -5.97 38.84
CA ASN B 294 -12.53 -5.32 37.62
C ASN B 294 -12.92 -6.19 36.42
N ALA B 295 -14.21 -6.35 36.17
CA ALA B 295 -14.61 -7.15 35.01
C ALA B 295 -14.48 -6.41 33.70
N PRO B 296 -13.86 -7.05 32.72
CA PRO B 296 -13.75 -6.38 31.42
C PRO B 296 -15.10 -6.08 30.80
N GLY B 297 -15.34 -4.77 30.59
CA GLY B 297 -16.66 -4.29 30.17
C GLY B 297 -17.19 -4.92 28.89
N GLU B 298 -16.30 -5.24 27.97
CA GLU B 298 -16.69 -5.86 26.69
C GLU B 298 -17.30 -7.27 26.86
N ILE B 299 -16.84 -8.02 27.87
CA ILE B 299 -17.33 -9.37 28.14
C ILE B 299 -18.75 -9.27 28.66
N ALA B 300 -19.02 -8.33 29.57
CA ALA B 300 -20.35 -8.13 30.07
C ALA B 300 -21.29 -7.71 28.93
N LYS B 301 -20.85 -6.79 28.08
CA LYS B 301 -21.71 -6.31 26.97
C LYS B 301 -21.97 -7.45 25.97
N TYR B 302 -20.95 -8.24 25.71
CA TYR B 302 -21.08 -9.44 24.85
C TYR B 302 -22.18 -10.37 25.42
N MET B 303 -22.09 -10.69 26.71
CA MET B 303 -23.08 -11.58 27.33
C MET B 303 -24.48 -11.00 27.39
N GLU B 304 -24.59 -9.69 27.60
CA GLU B 304 -25.87 -9.00 27.55
C GLU B 304 -26.47 -9.08 26.16
N THR B 305 -25.65 -8.92 25.13
CA THR B 305 -26.13 -8.99 23.77
C THR B 305 -26.63 -10.38 23.41
N VAL B 306 -25.90 -11.42 23.82
CA VAL B 306 -26.30 -12.82 23.61
C VAL B 306 -27.60 -13.11 24.36
N LYS B 307 -27.71 -12.62 25.59
CA LYS B 307 -28.93 -12.79 26.38
C LYS B 307 -30.19 -12.28 25.64
N LEU B 308 -30.02 -11.17 24.91
CA LEU B 308 -31.11 -10.59 24.17
C LEU B 308 -31.54 -11.35 22.90
N LEU B 309 -30.74 -12.31 22.45
CA LEU B 309 -31.10 -13.08 21.26
C LEU B 309 -32.14 -14.11 21.53
N ASP B 310 -33.19 -14.13 20.69
CA ASP B 310 -34.15 -15.21 20.67
C ASP B 310 -33.63 -16.39 19.87
N TYR B 311 -34.31 -17.53 20.03
CA TYR B 311 -33.86 -18.77 19.47
C TYR B 311 -33.66 -18.71 17.93
N THR B 312 -34.57 -18.04 17.23
CA THR B 312 -34.48 -17.99 15.76
C THR B 312 -33.81 -16.73 15.25
N GLU B 313 -33.38 -15.85 16.15
CA GLU B 313 -32.92 -14.52 15.76
C GLU B 313 -31.57 -14.51 15.07
N LYS B 314 -31.46 -13.70 14.03
CA LYS B 314 -30.17 -13.46 13.38
C LYS B 314 -29.34 -12.50 14.22
N PRO B 315 -28.16 -12.91 14.66
CA PRO B 315 -27.31 -12.01 15.45
C PRO B 315 -26.84 -10.83 14.60
N LEU B 316 -26.62 -9.70 15.26
CA LEU B 316 -25.94 -8.56 14.67
C LEU B 316 -24.47 -8.71 14.93
N TYR B 317 -23.80 -9.42 14.00
CA TYR B 317 -22.41 -9.82 14.15
C TYR B 317 -21.50 -8.57 14.19
N GLU B 318 -21.85 -7.55 13.42
CA GLU B 318 -21.04 -6.33 13.39
C GLU B 318 -21.03 -5.61 14.75
N ASN B 319 -22.19 -5.59 15.40
CA ASN B 319 -22.30 -5.10 16.79
C ASN B 319 -21.45 -5.88 17.77
N LEU B 320 -21.42 -7.19 17.64
CA LEU B 320 -20.57 -8.01 18.51
C LEU B 320 -19.10 -7.71 18.27
N ARG B 321 -18.72 -7.56 17.00
CA ARG B 321 -17.34 -7.25 16.67
C ARG B 321 -16.96 -5.87 17.24
N ASP B 322 -17.87 -4.92 17.15
CA ASP B 322 -17.62 -3.57 17.67
C ASP B 322 -17.41 -3.62 19.19
N ILE B 323 -18.21 -4.41 19.88
CA ILE B 323 -18.04 -4.64 21.33
C ILE B 323 -16.62 -5.11 21.63
N LEU B 324 -16.13 -6.09 20.88
CA LEU B 324 -14.81 -6.61 21.15
C LEU B 324 -13.73 -5.58 20.77
N LEU B 325 -13.97 -4.83 19.69
CA LEU B 325 -13.04 -3.76 19.28
C LEU B 325 -12.91 -2.67 20.35
N GLN B 326 -14.02 -2.30 20.99
CA GLN B 326 -14.02 -1.37 22.15
C GLN B 326 -13.10 -1.87 23.24
N GLY B 327 -13.08 -3.19 23.46
CA GLY B 327 -12.16 -3.81 24.41
C GLY B 327 -10.69 -3.63 24.06
N LEU B 328 -10.36 -3.81 22.77
CA LEU B 328 -9.00 -3.61 22.32
C LEU B 328 -8.57 -2.13 22.50
N LYS B 329 -9.45 -1.19 22.16
CA LYS B 329 -9.20 0.24 22.40
C LYS B 329 -8.96 0.52 23.89
N ALA B 330 -9.83 -0.02 24.74
CA ALA B 330 -9.72 0.18 26.19
C ALA B 330 -8.38 -0.25 26.78
N ILE B 331 -7.74 -1.26 26.21
CA ILE B 331 -6.40 -1.68 26.66
C ILE B 331 -5.25 -1.05 25.87
N GLY B 332 -5.53 -0.05 25.04
CA GLY B 332 -4.50 0.63 24.26
C GLY B 332 -3.95 -0.19 23.12
N SER B 333 -4.79 -1.02 22.52
CA SER B 333 -4.36 -1.84 21.39
C SER B 333 -5.30 -1.62 20.22
N LYS B 334 -5.21 -2.50 19.22
CA LYS B 334 -6.05 -2.44 18.03
C LYS B 334 -6.10 -3.82 17.40
N ASP B 335 -7.02 -4.02 16.46
CA ASP B 335 -7.10 -5.29 15.72
C ASP B 335 -6.02 -5.27 14.67
N ASP B 336 -4.85 -5.77 15.05
CA ASP B 336 -3.71 -5.90 14.17
C ASP B 336 -3.48 -7.36 13.78
N GLY B 337 -4.47 -8.22 14.04
CA GLY B 337 -4.35 -9.64 13.70
C GLY B 337 -3.32 -10.45 14.46
N LYS B 338 -2.71 -9.88 15.51
CA LYS B 338 -1.65 -10.55 16.25
C LYS B 338 -2.26 -11.27 17.46
N LEU B 339 -2.13 -12.59 17.51
CA LEU B 339 -2.75 -13.37 18.56
C LEU B 339 -2.00 -13.32 19.89
N ASP B 340 -0.70 -13.01 19.82
CA ASP B 340 0.17 -12.90 21.02
C ASP B 340 0.12 -14.12 21.91
N LEU B 341 0.23 -15.29 21.32
CA LEU B 341 0.25 -16.55 22.07
C LEU B 341 1.66 -16.84 22.64
N GLU C 21 31.20 30.65 41.20
CA GLU C 21 30.55 31.92 41.59
C GLU C 21 29.04 31.82 41.79
N GLN C 22 28.36 30.89 41.12
CA GLN C 22 26.91 30.80 41.16
C GLN C 22 26.42 30.04 42.38
N PHE C 23 27.17 29.03 42.77
CA PHE C 23 26.87 28.18 43.93
C PHE C 23 28.09 28.18 44.88
N ALA C 24 27.83 27.93 46.17
CA ALA C 24 28.84 27.63 47.16
C ALA C 24 29.01 26.12 47.29
N VAL C 25 30.22 25.64 47.48
CA VAL C 25 30.43 24.22 47.83
C VAL C 25 29.61 23.87 49.11
N GLY C 26 28.85 22.78 49.06
CA GLY C 26 27.88 22.43 50.08
C GLY C 26 26.49 23.06 50.04
N GLU C 27 26.24 24.00 49.13
CA GLU C 27 24.91 24.61 49.01
C GLU C 27 23.87 23.56 48.57
N ILE C 28 22.63 23.68 49.04
CA ILE C 28 21.55 22.78 48.67
C ILE C 28 20.63 23.50 47.69
N ILE C 29 20.43 22.88 46.53
CA ILE C 29 19.54 23.46 45.51
C ILE C 29 18.36 22.53 45.32
N THR C 30 17.22 23.14 45.06
CA THR C 30 15.98 22.41 44.87
C THR C 30 15.50 22.68 43.44
N ASP C 31 15.26 21.60 42.71
CA ASP C 31 14.88 21.73 41.29
C ASP C 31 13.37 21.95 41.15
N MET C 32 12.87 22.08 39.92
CA MET C 32 11.44 22.34 39.73
C MET C 32 10.53 21.20 40.13
N ALA C 33 11.07 19.97 40.21
CA ALA C 33 10.30 18.83 40.69
C ALA C 33 10.42 18.67 42.21
N ALA C 34 11.00 19.67 42.89
CA ALA C 34 11.24 19.69 44.33
C ALA C 34 12.22 18.62 44.83
N ALA C 35 13.06 18.11 43.93
CA ALA C 35 14.15 17.22 44.30
C ALA C 35 15.34 18.07 44.80
N ALA C 36 15.95 17.60 45.88
CA ALA C 36 17.04 18.32 46.54
C ALA C 36 18.39 17.76 46.12
N TRP C 37 19.32 18.68 45.82
CA TRP C 37 20.67 18.35 45.41
C TRP C 37 21.65 19.16 46.24
N LYS C 38 22.85 18.64 46.43
CA LYS C 38 23.96 19.32 47.08
C LYS C 38 25.05 19.57 46.05
N VAL C 39 25.61 20.76 46.07
CA VAL C 39 26.62 21.20 45.12
C VAL C 39 28.03 20.93 45.69
N GLY C 40 28.92 20.44 44.84
CA GLY C 40 30.33 20.20 45.15
C GLY C 40 31.23 21.21 44.46
N LEU C 41 32.46 20.77 44.15
CA LEU C 41 33.45 21.65 43.54
C LEU C 41 33.11 21.98 42.09
N PRO C 42 33.48 23.19 41.63
CA PRO C 42 33.50 23.43 40.19
C PRO C 42 34.53 22.54 39.46
N ILE C 43 34.34 22.33 38.17
CA ILE C 43 35.26 21.52 37.35
C ILE C 43 35.46 22.06 35.93
N CYS C 50 30.13 26.69 33.10
CA CYS C 50 30.00 26.78 34.54
C CYS C 50 29.35 25.47 34.96
N ILE C 51 30.15 24.55 35.48
CA ILE C 51 29.76 23.18 35.80
C ILE C 51 30.29 22.82 37.17
N TYR C 52 29.43 22.27 38.03
CA TYR C 52 29.82 21.80 39.35
C TYR C 52 29.49 20.34 39.52
N LEU C 53 30.29 19.67 40.34
CA LEU C 53 29.91 18.36 40.82
C LEU C 53 28.67 18.47 41.68
N ALA C 54 27.89 17.42 41.75
CA ALA C 54 26.62 17.42 42.48
C ALA C 54 26.23 16.02 42.88
N ASP C 55 25.44 15.92 43.93
CA ASP C 55 24.84 14.66 44.38
C ASP C 55 23.49 14.95 45.02
N MET C 56 22.76 13.90 45.35
CA MET C 56 21.55 14.01 46.17
C MET C 56 21.89 14.69 47.49
N ASN C 57 20.95 15.45 48.03
CA ASN C 57 21.10 16.07 49.32
C ASN C 57 21.26 15.00 50.40
N SER C 58 22.31 15.17 51.20
CA SER C 58 22.56 14.33 52.37
C SER C 58 23.36 15.16 53.38
N SER C 59 23.68 14.56 54.52
CA SER C 59 24.50 15.20 55.53
C SER C 59 25.98 15.28 55.12
N GLU C 60 26.43 14.42 54.20
CA GLU C 60 27.82 14.40 53.75
C GLU C 60 28.08 15.51 52.68
N SER C 61 29.33 15.93 52.58
CA SER C 61 29.72 16.86 51.51
C SER C 61 29.84 16.07 50.19
N VAL C 62 29.74 16.79 49.08
CA VAL C 62 29.85 16.18 47.77
C VAL C 62 31.33 15.96 47.45
N GLY C 63 31.69 14.73 47.15
CA GLY C 63 33.08 14.35 46.89
C GLY C 63 33.51 14.40 45.44
N SER C 64 34.79 14.06 45.25
CA SER C 64 35.44 13.95 43.94
C SER C 64 34.85 12.84 43.06
N ASP C 65 34.15 11.89 43.68
CA ASP C 65 33.45 10.79 42.99
C ASP C 65 31.92 10.98 42.82
N ALA C 66 31.45 12.22 42.84
CA ALA C 66 30.03 12.54 42.72
C ALA C 66 29.46 11.93 41.41
N PRO C 67 28.26 11.36 41.46
CA PRO C 67 27.65 10.78 40.27
C PRO C 67 26.98 11.79 39.31
N CYS C 68 26.84 13.03 39.68
CA CYS C 68 26.15 14.05 38.83
C CYS C 68 26.96 15.32 38.71
N VAL C 69 26.57 16.13 37.75
CA VAL C 69 27.02 17.49 37.62
C VAL C 69 25.82 18.42 37.51
N VAL C 70 26.01 19.67 37.86
CA VAL C 70 25.02 20.68 37.57
C VAL C 70 25.64 21.70 36.63
N LYS C 71 24.96 21.98 35.52
CA LYS C 71 25.35 23.01 34.59
C LYS C 71 24.51 24.23 34.83
N VAL C 72 25.12 25.40 34.78
CA VAL C 72 24.46 26.67 35.03
C VAL C 72 24.88 27.67 33.96
N GLU C 73 23.88 28.35 33.41
CA GLU C 73 24.08 29.42 32.43
C GLU C 73 23.03 30.48 32.68
N PRO C 74 23.25 31.73 32.21
CA PRO C 74 22.18 32.72 32.21
C PRO C 74 20.88 32.18 31.55
N SER C 75 19.73 32.60 32.07
CA SER C 75 18.45 32.23 31.50
C SER C 75 18.30 32.55 30.01
N ASP C 76 19.02 33.59 29.54
CA ASP C 76 19.01 33.95 28.13
C ASP C 76 19.93 33.10 27.22
N ASN C 77 20.68 32.18 27.82
CA ASN C 77 21.55 31.33 27.04
C ASN C 77 20.73 30.36 26.15
N GLY C 78 20.87 30.50 24.85
CA GLY C 78 20.12 29.69 23.90
C GLY C 78 20.52 28.22 23.92
N PRO C 79 21.83 27.93 23.89
CA PRO C 79 22.25 26.53 23.89
C PRO C 79 21.76 25.71 25.08
N LEU C 80 21.79 26.26 26.28
CA LEU C 80 21.35 25.46 27.44
C LEU C 80 19.86 25.20 27.36
N PHE C 81 19.09 26.12 26.83
CA PHE C 81 17.66 25.89 26.61
C PHE C 81 17.44 24.75 25.60
N THR C 82 18.13 24.81 24.47
CA THR C 82 18.06 23.74 23.48
C THR C 82 18.43 22.38 24.08
N GLU C 83 19.53 22.36 24.83
CA GLU C 83 20.02 21.14 25.45
C GLU C 83 19.03 20.59 26.46
N LEU C 84 18.52 21.46 27.29
CA LEU C 84 17.55 21.09 28.32
C LEU C 84 16.32 20.47 27.70
N LYS C 85 15.81 21.06 26.62
CA LYS C 85 14.64 20.49 25.95
C LYS C 85 14.93 19.12 25.39
N PHE C 86 16.13 18.92 24.81
CA PHE C 86 16.50 17.59 24.33
C PHE C 86 16.44 16.59 25.53
N TYR C 87 17.12 16.94 26.61
CA TYR C 87 17.19 16.03 27.76
C TYR C 87 15.82 15.73 28.40
N GLN C 88 14.97 16.75 28.50
CA GLN C 88 13.65 16.53 29.04
C GLN C 88 12.83 15.59 28.15
N ARG C 89 12.90 15.84 26.86
CA ARG C 89 12.19 15.04 25.87
C ARG C 89 12.66 13.60 25.62
N ALA C 90 13.97 13.43 25.55
CA ALA C 90 14.58 12.16 25.19
C ALA C 90 15.49 11.44 26.18
N ALA C 91 15.75 12.02 27.33
CA ALA C 91 16.67 11.40 28.24
C ALA C 91 16.15 11.22 29.65
N LYS C 92 14.86 10.98 29.76
CA LYS C 92 14.31 10.62 31.08
C LYS C 92 14.82 9.24 31.47
N PRO C 93 15.17 9.04 32.76
CA PRO C 93 15.87 7.78 33.09
C PRO C 93 15.08 6.53 32.71
N GLU C 94 13.77 6.55 32.95
CA GLU C 94 12.92 5.39 32.67
C GLU C 94 12.68 5.16 31.18
N GLN C 95 12.67 6.23 30.41
CA GLN C 95 12.57 6.16 28.96
C GLN C 95 13.80 5.48 28.36
N ILE C 96 14.98 5.86 28.83
CA ILE C 96 16.24 5.20 28.43
C ILE C 96 16.25 3.73 28.85
N GLN C 97 15.91 3.45 30.10
CA GLN C 97 15.90 2.06 30.56
C GLN C 97 14.91 1.20 29.77
N LYS C 98 13.74 1.73 29.48
CA LYS C 98 12.80 1.00 28.63
C LYS C 98 13.37 0.65 27.24
N TRP C 99 14.05 1.60 26.63
CA TRP C 99 14.67 1.37 25.33
C TRP C 99 15.78 0.29 25.42
N ILE C 100 16.62 0.38 26.44
CA ILE C 100 17.67 -0.61 26.68
C ILE C 100 17.06 -2.02 26.76
N ARG C 101 15.98 -2.15 27.52
CA ARG C 101 15.28 -3.42 27.70
C ARG C 101 14.68 -3.92 26.37
N THR C 102 13.87 -3.10 25.72
CA THR C 102 13.18 -3.53 24.51
C THR C 102 14.12 -3.80 23.32
N ARG C 103 15.21 -3.03 23.19
CA ARG C 103 16.18 -3.21 22.10
C ARG C 103 17.30 -4.19 22.51
N LYS C 104 17.25 -4.74 23.72
CA LYS C 104 18.23 -5.72 24.19
C LYS C 104 19.68 -5.23 24.13
N LEU C 105 19.90 -4.02 24.63
CA LEU C 105 21.24 -3.41 24.67
C LEU C 105 21.86 -3.68 26.03
N LYS C 106 23.17 -3.59 26.12
CA LYS C 106 23.88 -3.63 27.40
C LYS C 106 23.71 -2.32 28.15
N TYR C 107 23.75 -1.21 27.41
CA TYR C 107 23.60 0.12 27.95
C TYR C 107 23.23 1.05 26.76
N LEU C 108 22.93 2.31 27.04
CA LEU C 108 22.72 3.31 25.98
C LEU C 108 23.47 4.56 26.35
N GLY C 109 24.36 5.01 25.46
CA GLY C 109 25.20 6.16 25.76
C GLY C 109 24.57 7.55 25.61
N VAL C 110 23.34 7.71 26.10
CA VAL C 110 22.68 9.01 26.17
C VAL C 110 22.70 9.34 27.64
N PRO C 111 23.29 10.49 28.03
CA PRO C 111 23.31 10.87 29.43
C PRO C 111 21.91 11.05 30.05
N LYS C 112 21.77 10.68 31.30
CA LYS C 112 20.53 10.83 32.01
C LYS C 112 20.29 12.22 32.53
N TYR C 113 19.07 12.70 32.33
CA TYR C 113 18.58 13.98 32.83
C TYR C 113 17.95 13.76 34.22
N TRP C 114 18.43 14.50 35.21
CA TRP C 114 17.95 14.33 36.59
C TRP C 114 17.10 15.48 37.13
N GLY C 115 17.16 16.66 36.52
CA GLY C 115 16.32 17.76 36.91
C GLY C 115 16.83 19.10 36.42
N SER C 116 16.02 20.14 36.59
CA SER C 116 16.41 21.48 36.25
C SER C 116 15.63 22.50 37.02
N GLY C 117 16.05 23.76 36.90
CA GLY C 117 15.30 24.86 37.45
C GLY C 117 15.85 26.22 37.05
N LEU C 118 15.45 27.22 37.81
CA LEU C 118 15.88 28.60 37.66
C LEU C 118 16.40 29.05 39.00
N HIS C 119 17.46 29.85 39.00
CA HIS C 119 18.18 30.24 40.22
C HIS C 119 18.58 31.70 40.00
N ASP C 120 18.22 32.56 40.95
CA ASP C 120 18.61 33.96 40.93
C ASP C 120 19.88 34.19 41.77
N LYS C 121 20.85 34.91 41.21
CA LYS C 121 22.10 35.26 41.92
C LYS C 121 22.55 36.66 41.51
N ASN C 122 22.81 37.51 42.50
CA ASN C 122 23.23 38.91 42.28
C ASN C 122 22.27 39.67 41.35
N GLY C 123 20.97 39.49 41.56
CA GLY C 123 19.94 40.08 40.72
C GLY C 123 19.77 39.60 39.27
N LYS C 124 20.60 38.62 38.83
CA LYS C 124 20.49 38.06 37.48
C LYS C 124 19.84 36.66 37.55
N SER C 125 19.15 36.26 36.48
CA SER C 125 18.46 34.96 36.39
C SER C 125 19.29 33.92 35.64
N TYR C 126 19.47 32.76 36.28
CA TYR C 126 20.20 31.62 35.71
C TYR C 126 19.32 30.39 35.57
N ARG C 127 19.63 29.57 34.59
CA ARG C 127 19.03 28.24 34.39
C ARG C 127 20.03 27.19 34.81
N PHE C 128 19.55 26.15 35.47
CA PHE C 128 20.45 25.02 35.79
C PHE C 128 19.88 23.66 35.45
N MET C 129 20.75 22.70 35.26
CA MET C 129 20.38 21.35 34.80
C MET C 129 21.30 20.35 35.45
N ILE C 130 20.73 19.29 36.04
CA ILE C 130 21.48 18.23 36.65
C ILE C 130 21.53 17.03 35.70
N MET C 131 22.74 16.54 35.42
CA MET C 131 22.97 15.40 34.53
C MET C 131 24.00 14.45 35.10
N ASP C 132 24.11 13.27 34.49
CA ASP C 132 25.19 12.31 34.75
C ASP C 132 26.58 12.98 34.71
N ARG C 133 27.42 12.61 35.67
CA ARG C 133 28.85 12.92 35.67
C ARG C 133 29.57 11.81 34.95
N PHE C 134 30.52 12.17 34.10
CA PHE C 134 31.32 11.18 33.34
C PHE C 134 32.81 11.25 33.69
N GLY C 135 33.56 10.28 33.20
CA GLY C 135 35.01 10.34 33.23
C GLY C 135 35.60 11.09 32.05
N SER C 136 36.68 10.56 31.51
CA SER C 136 37.46 11.27 30.50
C SER C 136 36.73 11.33 29.16
N ASP C 137 37.02 12.36 28.39
CA ASP C 137 36.63 12.40 26.97
C ASP C 137 37.60 11.52 26.16
N LEU C 138 37.15 11.08 24.99
CA LEU C 138 37.97 10.25 24.12
C LEU C 138 39.10 11.01 23.45
N GLN C 139 38.98 12.32 23.29
CA GLN C 139 40.02 13.10 22.62
C GLN C 139 41.34 13.05 23.43
N LYS C 140 41.23 13.16 24.77
CA LYS C 140 42.40 13.05 25.66
C LYS C 140 43.09 11.71 25.51
N ILE C 141 42.31 10.64 25.52
CA ILE C 141 42.81 9.27 25.43
C ILE C 141 43.43 9.03 24.04
N TYR C 142 42.77 9.55 23.00
CA TYR C 142 43.31 9.49 21.63
C TYR C 142 44.65 10.18 21.51
N GLU C 143 44.76 11.39 22.03
CA GLU C 143 46.01 12.14 21.99
C GLU C 143 47.12 11.43 22.78
N ALA C 144 46.77 10.85 23.92
CA ALA C 144 47.71 10.07 24.73
C ALA C 144 48.18 8.80 24.03
N ASN C 145 47.40 8.30 23.06
CA ASN C 145 47.73 7.12 22.28
C ASN C 145 48.36 7.48 20.92
N ALA C 146 49.01 8.63 20.84
CA ALA C 146 49.65 9.15 19.60
C ALA C 146 48.66 9.30 18.44
N LYS C 147 47.45 9.72 18.77
CA LYS C 147 46.37 9.96 17.77
C LYS C 147 46.07 8.75 16.91
N ARG C 148 45.90 7.62 17.58
CA ARG C 148 45.37 6.41 16.97
C ARG C 148 44.46 5.69 17.95
N PHE C 149 43.42 5.06 17.42
CA PHE C 149 42.73 3.97 18.08
C PHE C 149 42.85 2.77 17.19
N SER C 150 42.89 1.60 17.81
CA SER C 150 42.95 0.34 17.08
C SER C 150 41.65 0.08 16.34
N ARG C 151 41.71 -0.81 15.36
CA ARG C 151 40.53 -1.22 14.62
C ARG C 151 39.45 -1.80 15.56
N LYS C 152 39.86 -2.64 16.52
CA LYS C 152 38.95 -3.15 17.55
C LYS C 152 38.19 -2.02 18.27
N THR C 153 38.95 -1.07 18.77
CA THR C 153 38.42 0.06 19.47
C THR C 153 37.44 0.88 18.61
N VAL C 154 37.85 1.18 17.39
CA VAL C 154 37.01 2.01 16.51
C VAL C 154 35.70 1.31 16.23
N LEU C 155 35.75 0.02 15.96
CA LEU C 155 34.53 -0.72 15.69
C LEU C 155 33.61 -0.78 16.90
N GLN C 156 34.18 -1.01 18.09
CA GLN C 156 33.38 -1.09 19.31
C GLN C 156 32.77 0.30 19.67
N LEU C 157 33.55 1.36 19.53
CA LEU C 157 33.03 2.73 19.72
C LEU C 157 31.88 2.99 18.76
N SER C 158 32.07 2.64 17.49
CA SER C 158 31.13 2.98 16.44
C SER C 158 29.82 2.22 16.55
N LEU C 159 29.87 0.96 16.99
CA LEU C 159 28.66 0.21 17.24
C LEU C 159 27.78 0.90 18.28
N ARG C 160 28.40 1.39 19.35
CA ARG C 160 27.68 2.03 20.45
C ARG C 160 27.20 3.41 20.04
N ILE C 161 27.97 4.10 19.20
CA ILE C 161 27.53 5.39 18.65
C ILE C 161 26.34 5.19 17.71
N LEU C 162 26.32 4.11 16.92
CA LEU C 162 25.15 3.79 16.12
C LEU C 162 23.88 3.55 16.96
N ASP C 163 24.05 2.90 18.11
CA ASP C 163 22.92 2.75 19.05
C ASP C 163 22.41 4.12 19.54
N ILE C 164 23.33 5.01 19.89
CA ILE C 164 22.97 6.36 20.35
C ILE C 164 22.27 7.14 19.25
N LEU C 165 22.82 7.10 18.04
CA LEU C 165 22.24 7.84 16.93
C LEU C 165 20.86 7.32 16.59
N GLU C 166 20.68 6.00 16.58
CA GLU C 166 19.37 5.43 16.35
C GLU C 166 18.35 5.96 17.35
N TYR C 167 18.76 5.95 18.61
CA TYR C 167 17.90 6.42 19.69
C TYR C 167 17.52 7.89 19.51
N ILE C 168 18.50 8.77 19.35
CA ILE C 168 18.18 10.21 19.24
C ILE C 168 17.37 10.50 17.98
N HIS C 169 17.73 9.85 16.87
CA HIS C 169 16.99 10.01 15.63
C HIS C 169 15.53 9.58 15.77
N GLU C 170 15.30 8.47 16.46
CA GLU C 170 13.93 8.00 16.69
C GLU C 170 13.17 8.92 17.66
N HIS C 171 13.88 9.77 18.40
CA HIS C 171 13.29 10.77 19.25
C HIS C 171 13.40 12.18 18.69
N GLU C 172 13.43 12.28 17.35
CA GLU C 172 13.30 13.52 16.57
C GLU C 172 14.51 14.44 16.48
N TYR C 173 15.67 14.00 16.97
CA TYR C 173 16.87 14.83 17.01
C TYR C 173 18.04 14.23 16.24
N VAL C 174 18.85 15.13 15.67
CA VAL C 174 20.19 14.79 15.20
C VAL C 174 21.18 15.60 16.04
N HIS C 175 22.40 15.08 16.14
CA HIS C 175 23.42 15.70 16.95
C HIS C 175 24.23 16.73 16.18
N GLY C 176 24.69 16.34 14.98
CA GLY C 176 25.41 17.23 14.08
C GLY C 176 26.86 17.53 14.42
N ASP C 177 27.38 16.95 15.51
CA ASP C 177 28.72 17.32 15.97
C ASP C 177 29.39 16.21 16.77
N ILE C 178 29.27 15.00 16.23
CA ILE C 178 29.92 13.84 16.79
C ILE C 178 31.46 14.00 16.56
N LYS C 179 32.21 13.85 17.64
CA LYS C 179 33.67 13.85 17.62
C LYS C 179 34.15 13.37 19.01
N ALA C 180 35.44 13.04 19.08
CA ALA C 180 36.03 12.46 20.30
C ALA C 180 35.89 13.33 21.54
N SER C 181 35.95 14.66 21.38
CA SER C 181 35.79 15.56 22.51
C SER C 181 34.36 15.57 23.09
N ASN C 182 33.38 15.08 22.31
CA ASN C 182 31.98 14.94 22.76
C ASN C 182 31.63 13.51 23.13
N LEU C 183 32.62 12.65 23.26
CA LEU C 183 32.40 11.26 23.64
C LEU C 183 33.10 11.04 24.98
N LEU C 184 32.33 10.71 26.01
CA LEU C 184 32.86 10.63 27.40
C LEU C 184 32.58 9.26 27.93
N LEU C 185 33.51 8.76 28.74
CA LEU C 185 33.40 7.43 29.32
C LEU C 185 32.59 7.47 30.59
N ASN C 186 31.81 6.43 30.81
CA ASN C 186 31.09 6.21 32.07
C ASN C 186 32.16 6.26 33.19
N TYR C 187 31.86 7.03 34.22
CA TYR C 187 32.77 7.26 35.32
C TYR C 187 33.17 5.94 36.03
N LYS C 188 32.21 5.02 36.14
CA LYS C 188 32.41 3.75 36.85
C LYS C 188 32.72 2.58 35.89
N ASN C 189 32.57 2.77 34.56
CA ASN C 189 32.81 1.69 33.60
C ASN C 189 33.46 2.24 32.31
N PRO C 190 34.79 2.06 32.17
CA PRO C 190 35.48 2.62 31.00
C PRO C 190 35.24 1.90 29.66
N ASP C 191 34.38 0.89 29.64
CA ASP C 191 33.91 0.28 28.39
C ASP C 191 32.57 0.84 27.87
N GLN C 192 32.03 1.87 28.54
CA GLN C 192 30.77 2.49 28.12
C GLN C 192 31.04 3.93 27.71
N VAL C 193 30.72 4.24 26.45
CA VAL C 193 30.93 5.56 25.92
C VAL C 193 29.57 6.27 25.73
N TYR C 194 29.57 7.55 26.08
CA TYR C 194 28.37 8.39 26.01
C TYR C 194 28.61 9.58 25.08
N LEU C 195 27.59 9.96 24.32
CA LEU C 195 27.66 11.18 23.50
C LEU C 195 27.05 12.34 24.24
N VAL C 196 27.79 13.43 24.39
CA VAL C 196 27.34 14.61 25.11
C VAL C 196 27.27 15.83 24.19
N ASP C 197 26.77 16.92 24.75
CA ASP C 197 26.64 18.23 24.14
C ASP C 197 25.51 18.29 23.11
N TYR C 198 24.31 18.67 23.60
CA TYR C 198 23.15 18.81 22.77
C TYR C 198 22.73 20.27 22.64
N GLY C 199 23.63 21.19 22.97
CA GLY C 199 23.34 22.64 22.95
C GLY C 199 23.01 23.15 21.54
N LEU C 200 23.63 22.53 20.53
CA LEU C 200 23.33 22.84 19.14
C LEU C 200 22.76 21.62 18.40
N ALA C 201 22.12 20.71 19.13
CA ALA C 201 21.41 19.60 18.51
C ALA C 201 20.22 20.17 17.76
N TYR C 202 19.66 19.41 16.85
CA TYR C 202 18.63 19.90 15.97
C TYR C 202 17.48 18.92 15.93
N ARG C 203 16.29 19.45 16.14
CA ARG C 203 15.08 18.68 16.05
C ARG C 203 14.64 18.64 14.58
N TYR C 204 15.09 17.59 13.89
CA TYR C 204 14.89 17.47 12.44
C TYR C 204 13.48 17.00 12.05
N CYS C 205 12.75 16.41 12.99
CA CYS C 205 11.49 15.75 12.73
C CYS C 205 10.40 16.09 13.78
N PRO C 206 10.20 17.38 14.11
CA PRO C 206 9.25 17.69 15.22
C PRO C 206 7.85 17.16 14.89
N GLU C 207 7.31 16.39 15.81
CA GLU C 207 6.01 15.74 15.67
C GLU C 207 5.87 14.93 14.39
N GLY C 208 6.97 14.28 14.00
CA GLY C 208 6.99 13.43 12.83
C GLY C 208 7.01 14.12 11.48
N VAL C 209 7.19 15.43 11.43
CA VAL C 209 7.28 16.17 10.17
C VAL C 209 8.75 16.52 9.86
N HIS C 210 9.31 15.88 8.86
CA HIS C 210 10.73 16.06 8.49
C HIS C 210 10.94 17.46 7.91
N LYS C 211 11.99 18.12 8.38
CA LYS C 211 12.42 19.37 7.83
C LYS C 211 12.73 19.23 6.33
N ALA C 212 12.50 20.34 5.63
CA ALA C 212 12.75 20.46 4.20
C ALA C 212 14.24 20.55 3.91
N TYR C 213 14.61 20.27 2.68
CA TYR C 213 16.02 20.34 2.28
C TYR C 213 16.39 21.79 1.99
N ALA C 214 16.66 22.52 3.07
CA ALA C 214 17.01 23.92 3.02
C ALA C 214 17.60 24.37 4.33
N ALA C 215 18.27 25.51 4.30
CA ALA C 215 18.70 26.15 5.56
C ALA C 215 17.52 26.38 6.50
N ASP C 216 17.79 26.36 7.81
CA ASP C 216 16.83 26.75 8.81
C ASP C 216 17.34 28.04 9.46
N PRO C 217 16.61 29.18 9.28
CA PRO C 217 17.12 30.44 9.85
C PRO C 217 17.33 30.41 11.36
N LYS C 218 16.58 29.55 12.07
CA LYS C 218 16.76 29.38 13.51
C LYS C 218 18.11 28.75 13.90
N ARG C 219 18.81 28.10 12.96
CA ARG C 219 20.07 27.41 13.27
C ARG C 219 21.28 28.10 12.65
N CYS C 220 22.29 28.45 13.46
CA CYS C 220 23.54 29.02 12.90
C CYS C 220 24.72 28.05 12.70
N HIS C 221 24.68 26.93 13.42
CA HIS C 221 25.80 26.02 13.50
C HIS C 221 25.96 25.12 12.26
N ASP C 222 27.22 24.98 11.88
CA ASP C 222 27.62 24.22 10.68
C ASP C 222 28.40 22.95 11.06
N GLY C 223 28.50 22.68 12.37
CA GLY C 223 29.28 21.55 12.89
C GLY C 223 30.77 21.89 13.09
N THR C 224 31.59 20.87 13.18
CA THR C 224 33.03 21.02 13.26
C THR C 224 33.55 20.72 11.84
N ILE C 225 34.23 21.69 11.25
CA ILE C 225 34.49 21.67 9.80
C ILE C 225 35.14 20.40 9.27
N GLU C 226 36.13 19.86 9.98
CA GLU C 226 36.81 18.66 9.45
C GLU C 226 35.91 17.41 9.43
N PHE C 227 34.88 17.36 10.27
CA PHE C 227 34.01 16.19 10.41
C PHE C 227 32.60 16.39 9.85
N THR C 228 32.19 17.62 9.53
CA THR C 228 30.79 17.91 9.27
C THR C 228 30.33 17.28 7.94
N SER C 229 29.03 17.15 7.78
CA SER C 229 28.45 16.54 6.60
C SER C 229 28.46 17.44 5.40
N ILE C 230 28.38 16.82 4.22
CA ILE C 230 28.20 17.55 2.98
C ILE C 230 26.91 18.41 3.04
N ASP C 231 25.82 17.87 3.58
CA ASP C 231 24.60 18.67 3.79
C ASP C 231 24.89 19.97 4.53
N ALA C 232 25.62 19.88 5.64
CA ALA C 232 25.97 21.07 6.42
C ALA C 232 26.83 22.03 5.59
N HIS C 233 27.77 21.50 4.83
CA HIS C 233 28.58 22.34 3.94
C HIS C 233 27.72 23.05 2.90
N ASN C 234 26.66 22.40 2.44
CA ASN C 234 25.69 22.97 1.49
C ASN C 234 24.68 23.97 2.10
N GLY C 235 24.78 24.22 3.39
CA GLY C 235 23.96 25.16 4.09
C GLY C 235 22.59 24.65 4.42
N VAL C 236 22.35 23.34 4.40
CA VAL C 236 21.02 22.87 4.76
C VAL C 236 21.09 22.35 6.20
N ALA C 237 19.90 22.27 6.75
CA ALA C 237 19.76 21.77 8.12
C ALA C 237 20.27 20.33 8.18
N PRO C 238 20.86 19.96 9.32
CA PRO C 238 21.35 18.57 9.44
C PRO C 238 20.20 17.56 9.49
N SER C 239 20.42 16.38 8.95
CA SER C 239 19.47 15.26 9.06
C SER C 239 20.22 13.98 9.42
N ARG C 240 19.53 12.86 9.36
CA ARG C 240 20.05 11.62 9.87
C ARG C 240 21.30 11.14 9.10
N ARG C 241 21.25 11.28 7.78
CA ARG C 241 22.40 10.78 6.97
C ARG C 241 23.67 11.56 7.36
N GLY C 242 23.51 12.85 7.65
CA GLY C 242 24.61 13.67 8.09
C GLY C 242 25.32 13.17 9.33
N ASP C 243 24.54 12.75 10.33
CA ASP C 243 25.15 12.20 11.54
C ASP C 243 26.00 10.96 11.22
N LEU C 244 25.49 10.11 10.32
CA LEU C 244 26.21 8.89 9.95
C LEU C 244 27.48 9.20 9.12
N GLU C 245 27.40 10.23 8.30
CA GLU C 245 28.54 10.71 7.57
C GLU C 245 29.66 11.24 8.51
N ILE C 246 29.25 12.00 9.50
CA ILE C 246 30.15 12.53 10.49
C ILE C 246 30.88 11.38 11.21
N LEU C 247 30.12 10.36 11.60
CA LEU C 247 30.73 9.19 12.23
C LEU C 247 31.77 8.51 11.28
N GLY C 248 31.45 8.43 10.00
CA GLY C 248 32.38 7.93 9.00
C GLY C 248 33.72 8.64 9.02
N TYR C 249 33.69 9.97 9.02
CA TYR C 249 34.91 10.75 9.07
C TYR C 249 35.67 10.57 10.38
N CYS C 250 34.93 10.50 11.49
CA CYS C 250 35.54 10.19 12.78
C CYS C 250 36.31 8.83 12.75
N MET C 251 35.69 7.81 12.16
CA MET C 251 36.28 6.47 12.14
C MET C 251 37.65 6.53 11.40
N ILE C 252 37.68 7.25 10.28
CA ILE C 252 38.93 7.38 9.54
C ILE C 252 40.00 8.16 10.33
N GLN C 253 39.61 9.29 10.90
CA GLN C 253 40.47 10.09 11.78
C GLN C 253 41.06 9.22 12.90
N TRP C 254 40.21 8.42 13.53
CA TRP C 254 40.64 7.61 14.67
C TRP C 254 41.61 6.51 14.24
N LEU C 255 41.30 5.85 13.11
CA LEU C 255 42.11 4.75 12.60
C LEU C 255 43.50 5.22 12.13
N THR C 256 43.56 6.40 11.50
CA THR C 256 44.75 6.81 10.73
C THR C 256 45.48 8.02 11.29
N GLY C 257 44.87 8.73 12.23
CA GLY C 257 45.37 10.00 12.70
C GLY C 257 45.16 11.24 11.85
N HIS C 258 44.52 11.07 10.68
CA HIS C 258 44.43 12.16 9.69
C HIS C 258 43.12 12.12 8.90
N LEU C 259 42.80 13.24 8.29
CA LEU C 259 41.83 13.30 7.19
C LEU C 259 42.44 14.08 6.03
N PRO C 260 42.06 13.76 4.80
CA PRO C 260 42.76 14.36 3.63
C PRO C 260 42.72 15.88 3.53
N TRP C 261 41.64 16.49 4.06
CA TRP C 261 41.39 17.91 3.94
C TRP C 261 41.88 18.71 5.17
N GLU C 262 42.57 18.05 6.10
CA GLU C 262 42.93 18.66 7.38
C GLU C 262 43.94 19.83 7.29
N ASP C 263 44.65 19.91 6.18
CA ASP C 263 45.59 20.98 5.87
C ASP C 263 44.95 22.28 5.37
N ASN C 264 43.65 22.26 5.02
CA ASN C 264 43.04 23.47 4.51
C ASN C 264 41.67 23.73 5.11
N LEU C 265 41.60 23.62 6.43
CA LEU C 265 40.32 23.81 7.14
C LEU C 265 39.85 25.24 7.15
N LYS C 266 40.73 26.20 6.83
CA LYS C 266 40.32 27.60 6.68
C LYS C 266 39.67 27.88 5.33
N ASP C 267 39.61 26.89 4.42
CA ASP C 267 38.99 27.06 3.11
C ASP C 267 37.80 26.09 2.98
N PRO C 268 36.60 26.53 3.42
CA PRO C 268 35.48 25.59 3.49
C PRO C 268 35.07 25.03 2.13
N LYS C 269 35.23 25.80 1.05
CA LYS C 269 34.90 25.26 -0.28
C LYS C 269 35.82 24.09 -0.67
N TYR C 270 37.09 24.16 -0.31
CA TYR C 270 38.02 23.06 -0.52
C TYR C 270 37.62 21.81 0.29
N VAL C 271 37.27 22.01 1.56
CA VAL C 271 36.84 20.90 2.41
C VAL C 271 35.61 20.22 1.80
N ARG C 272 34.61 21.02 1.43
CA ARG C 272 33.40 20.47 0.83
C ARG C 272 33.73 19.74 -0.48
N ASP C 273 34.52 20.37 -1.34
CA ASP C 273 34.89 19.77 -2.65
C ASP C 273 35.55 18.42 -2.48
N SER C 274 36.49 18.37 -1.54
CA SER C 274 37.19 17.13 -1.22
C SER C 274 36.23 16.05 -0.72
N LYS C 275 35.34 16.39 0.22
CA LYS C 275 34.36 15.42 0.69
C LYS C 275 33.47 14.90 -0.40
N ILE C 276 33.01 15.78 -1.29
CA ILE C 276 32.14 15.38 -2.42
C ILE C 276 32.90 14.42 -3.32
N ARG C 277 34.13 14.78 -3.67
CA ARG C 277 34.96 13.93 -4.55
C ARG C 277 35.19 12.54 -3.96
N TYR C 278 35.47 12.49 -2.65
CA TYR C 278 35.71 11.24 -1.97
C TYR C 278 34.47 10.43 -1.66
N ARG C 279 33.28 11.07 -1.65
CA ARG C 279 32.03 10.33 -1.62
C ARG C 279 31.73 9.71 -2.98
N GLU C 280 31.97 10.45 -4.06
CA GLU C 280 31.77 9.94 -5.41
C GLU C 280 32.70 8.75 -5.68
N ASN C 281 33.91 8.78 -5.13
CA ASN C 281 34.93 7.73 -5.33
C ASN C 281 35.52 7.26 -3.99
N ILE C 282 34.78 6.40 -3.30
CA ILE C 282 35.17 5.94 -1.97
C ILE C 282 36.47 5.12 -1.99
N ALA C 283 36.68 4.33 -3.05
CA ALA C 283 37.95 3.61 -3.21
C ALA C 283 39.14 4.56 -3.17
N SER C 284 39.03 5.73 -3.81
CA SER C 284 40.10 6.73 -3.74
C SER C 284 40.31 7.28 -2.34
N LEU C 285 39.24 7.37 -1.55
CA LEU C 285 39.41 7.78 -0.17
C LEU C 285 40.20 6.73 0.63
N MET C 286 39.85 5.49 0.42
CA MET C 286 40.52 4.38 1.11
C MET C 286 42.02 4.34 0.70
N ASP C 287 42.30 4.54 -0.58
CA ASP C 287 43.70 4.59 -1.08
C ASP C 287 44.47 5.74 -0.46
N LYS C 288 43.81 6.89 -0.35
CA LYS C 288 44.43 8.06 0.23
C LYS C 288 44.75 7.90 1.72
N CYS C 289 43.81 7.35 2.48
CA CYS C 289 43.91 7.32 3.93
C CYS C 289 44.63 6.10 4.50
N PHE C 290 44.63 4.99 3.76
CA PHE C 290 45.22 3.76 4.26
C PHE C 290 46.38 3.26 3.38
N PRO C 291 47.48 2.79 4.03
CA PRO C 291 48.52 2.06 3.28
C PRO C 291 47.96 0.79 2.61
N ALA C 292 48.60 0.41 1.51
CA ALA C 292 48.25 -0.79 0.78
C ALA C 292 48.07 -1.97 1.74
N ALA C 293 46.94 -2.63 1.59
CA ALA C 293 46.54 -3.81 2.36
C ALA C 293 46.06 -3.46 3.76
N ASN C 294 46.03 -2.18 4.08
CA ASN C 294 45.61 -1.76 5.40
C ASN C 294 44.20 -1.22 5.45
N ALA C 295 43.53 -1.09 4.30
CA ALA C 295 42.20 -0.51 4.32
C ALA C 295 41.18 -1.49 4.82
N PRO C 296 40.52 -1.12 5.91
CA PRO C 296 39.50 -1.98 6.49
C PRO C 296 38.24 -1.91 5.61
N GLY C 297 37.84 -3.07 5.09
CA GLY C 297 36.76 -3.15 4.14
C GLY C 297 35.41 -2.63 4.67
N GLU C 298 35.20 -2.78 5.97
CA GLU C 298 33.95 -2.34 6.61
C GLU C 298 33.75 -0.81 6.57
N ILE C 299 34.84 -0.05 6.58
CA ILE C 299 34.77 1.40 6.52
C ILE C 299 34.23 1.83 5.15
N ALA C 300 34.78 1.23 4.09
CA ALA C 300 34.31 1.54 2.76
C ALA C 300 32.83 1.12 2.61
N LYS C 301 32.47 -0.06 3.11
CA LYS C 301 31.08 -0.54 2.98
C LYS C 301 30.09 0.37 3.75
N TYR C 302 30.55 0.81 4.92
CA TYR C 302 29.79 1.77 5.75
C TYR C 302 29.52 3.04 4.92
N MET C 303 30.57 3.60 4.31
CA MET C 303 30.43 4.84 3.57
C MET C 303 29.58 4.68 2.32
N GLU C 304 29.68 3.52 1.64
CA GLU C 304 28.84 3.24 0.49
C GLU C 304 27.38 3.18 0.89
N THR C 305 27.09 2.57 2.04
CA THR C 305 25.71 2.45 2.49
C THR C 305 25.12 3.84 2.82
N VAL C 306 25.90 4.67 3.53
CA VAL C 306 25.47 6.02 3.90
C VAL C 306 25.27 6.87 2.64
N LYS C 307 26.16 6.71 1.64
CA LYS C 307 26.02 7.41 0.37
C LYS C 307 24.68 7.19 -0.30
N LEU C 308 24.10 6.02 -0.12
CA LEU C 308 22.81 5.69 -0.72
C LEU C 308 21.60 6.30 -0.01
N LEU C 309 21.79 6.92 1.16
CA LEU C 309 20.67 7.57 1.86
C LEU C 309 20.30 8.89 1.25
N ASP C 310 19.01 9.10 1.06
CA ASP C 310 18.44 10.41 0.74
C ASP C 310 18.29 11.26 1.99
N TYR C 311 18.08 12.55 1.80
CA TYR C 311 18.07 13.53 2.88
C TYR C 311 17.07 13.21 3.96
N THR C 312 15.88 12.75 3.58
CA THR C 312 14.81 12.45 4.55
C THR C 312 14.75 11.01 4.94
N GLU C 313 15.63 10.17 4.41
CA GLU C 313 15.51 8.72 4.54
C GLU C 313 15.89 8.20 5.91
N LYS C 314 15.13 7.24 6.39
CA LYS C 314 15.45 6.54 7.62
C LYS C 314 16.58 5.51 7.36
N PRO C 315 17.70 5.65 8.07
CA PRO C 315 18.78 4.69 7.91
C PRO C 315 18.42 3.31 8.38
N LEU C 316 19.01 2.29 7.77
CA LEU C 316 18.89 0.92 8.25
C LEU C 316 20.06 0.66 9.20
N TYR C 317 19.85 1.01 10.47
CA TYR C 317 20.92 1.04 11.46
C TYR C 317 21.46 -0.37 11.70
N GLU C 318 20.57 -1.37 11.67
CA GLU C 318 21.02 -2.77 11.98
C GLU C 318 21.95 -3.25 10.83
N ASN C 319 21.67 -2.88 9.59
CA ASN C 319 22.57 -3.15 8.46
C ASN C 319 23.95 -2.49 8.63
N LEU C 320 23.97 -1.26 9.13
CA LEU C 320 25.22 -0.57 9.39
C LEU C 320 25.99 -1.27 10.48
N ARG C 321 25.30 -1.70 11.53
CA ARG C 321 25.95 -2.41 12.62
C ARG C 321 26.51 -3.76 12.11
N ASP C 322 25.77 -4.43 11.24
CA ASP C 322 26.21 -5.71 10.70
C ASP C 322 27.51 -5.52 9.91
N ILE C 323 27.58 -4.47 9.12
CA ILE C 323 28.80 -4.10 8.41
C ILE C 323 30.00 -4.00 9.36
N LEU C 324 29.81 -3.31 10.49
CA LEU C 324 30.89 -3.15 11.43
C LEU C 324 31.22 -4.50 12.12
N LEU C 325 30.21 -5.34 12.30
CA LEU C 325 30.37 -6.66 12.90
C LEU C 325 31.31 -7.49 12.04
N GLN C 326 31.23 -7.32 10.71
CA GLN C 326 32.09 -8.03 9.77
C GLN C 326 33.56 -7.67 10.04
N GLY C 327 33.83 -6.41 10.35
CA GLY C 327 35.16 -5.98 10.68
C GLY C 327 35.65 -6.67 11.94
N LEU C 328 34.77 -6.86 12.92
CA LEU C 328 35.22 -7.54 14.13
C LEU C 328 35.52 -9.04 13.86
N LYS C 329 34.69 -9.70 13.06
CA LYS C 329 34.95 -11.08 12.61
C LYS C 329 36.28 -11.16 11.83
N ALA C 330 36.50 -10.23 10.91
CA ALA C 330 37.73 -10.20 10.11
C ALA C 330 39.01 -10.14 10.94
N ILE C 331 38.97 -9.48 12.10
CA ILE C 331 40.13 -9.45 13.00
C ILE C 331 40.11 -10.52 14.10
N GLY C 332 39.24 -11.51 13.97
CA GLY C 332 39.19 -12.64 14.90
C GLY C 332 38.59 -12.28 16.24
N SER C 333 37.64 -11.34 16.25
CA SER C 333 37.07 -10.88 17.51
C SER C 333 35.56 -10.95 17.41
N LYS C 334 34.89 -10.32 18.37
CA LYS C 334 33.43 -10.26 18.40
C LYS C 334 33.03 -9.01 19.16
N ASP C 335 31.74 -8.68 19.10
CA ASP C 335 31.20 -7.60 19.93
C ASP C 335 31.02 -8.11 21.34
N ASP C 336 32.08 -7.94 22.12
CA ASP C 336 32.10 -8.28 23.53
C ASP C 336 32.05 -7.02 24.39
N GLY C 337 31.70 -5.88 23.78
CA GLY C 337 31.62 -4.61 24.53
C GLY C 337 32.91 -4.06 25.07
N LYS C 338 34.07 -4.61 24.69
CA LYS C 338 35.34 -4.17 25.21
C LYS C 338 35.94 -3.11 24.28
N LEU C 339 36.14 -1.91 24.78
CA LEU C 339 36.67 -0.80 23.99
C LEU C 339 38.17 -0.87 23.81
N ASP C 340 38.88 -1.59 24.69
CA ASP C 340 40.34 -1.75 24.61
C ASP C 340 41.07 -0.42 24.54
N LEU C 341 40.69 0.50 25.42
CA LEU C 341 41.35 1.80 25.51
C LEU C 341 42.59 1.72 26.39
N GLN D 22 14.67 -24.75 -37.56
CA GLN D 22 15.53 -25.91 -37.42
C GLN D 22 15.08 -26.80 -36.26
N PHE D 23 15.21 -26.32 -35.03
CA PHE D 23 14.82 -27.12 -33.88
C PHE D 23 13.34 -27.47 -33.98
N ALA D 24 13.02 -28.71 -33.66
CA ALA D 24 11.67 -29.23 -33.75
C ALA D 24 10.89 -29.12 -32.46
N VAL D 25 9.57 -28.94 -32.55
CA VAL D 25 8.71 -28.79 -31.36
C VAL D 25 8.81 -30.05 -30.48
N GLY D 26 9.04 -29.85 -29.19
CA GLY D 26 9.34 -30.92 -28.24
C GLY D 26 10.77 -31.42 -28.13
N GLU D 27 11.69 -30.95 -28.97
CA GLU D 27 13.08 -31.40 -28.92
C GLU D 27 13.77 -30.98 -27.62
N ILE D 28 14.64 -31.83 -27.10
CA ILE D 28 15.19 -31.65 -25.75
C ILE D 28 16.64 -31.22 -25.87
N ILE D 29 16.96 -30.09 -25.25
CA ILE D 29 18.34 -29.60 -25.22
C ILE D 29 18.85 -29.58 -23.79
N THR D 30 20.15 -29.80 -23.62
CA THR D 30 20.75 -29.93 -22.32
C THR D 30 21.80 -28.84 -22.13
N ASP D 31 21.70 -28.10 -21.02
CA ASP D 31 22.59 -26.98 -20.80
C ASP D 31 23.89 -27.41 -20.07
N MET D 32 24.75 -26.43 -19.80
CA MET D 32 26.01 -26.66 -19.11
C MET D 32 25.89 -27.15 -17.68
N ALA D 33 24.76 -26.94 -17.04
CA ALA D 33 24.48 -27.50 -15.71
C ALA D 33 23.83 -28.88 -15.80
N ALA D 34 23.76 -29.45 -17.00
CA ALA D 34 23.06 -30.71 -17.30
C ALA D 34 21.53 -30.68 -17.08
N ALA D 35 20.95 -29.49 -17.04
CA ALA D 35 19.50 -29.32 -16.96
C ALA D 35 18.91 -29.46 -18.37
N ALA D 36 17.79 -30.16 -18.44
CA ALA D 36 17.05 -30.42 -19.67
C ALA D 36 15.96 -29.36 -19.89
N TRP D 37 15.88 -28.92 -21.15
CA TRP D 37 14.86 -27.96 -21.58
C TRP D 37 14.19 -28.55 -22.81
N LYS D 38 12.90 -28.24 -22.94
CA LYS D 38 12.13 -28.64 -24.13
C LYS D 38 11.81 -27.37 -24.93
N VAL D 39 11.95 -27.50 -26.24
CA VAL D 39 11.70 -26.42 -27.18
C VAL D 39 10.23 -26.41 -27.63
N GLY D 40 9.65 -25.22 -27.70
CA GLY D 40 8.28 -25.00 -28.20
C GLY D 40 8.29 -24.32 -29.56
N LEU D 41 7.24 -23.54 -29.84
CA LEU D 41 7.11 -22.91 -31.16
C LEU D 41 8.11 -21.76 -31.35
N PRO D 42 8.57 -21.55 -32.59
CA PRO D 42 9.27 -20.30 -32.90
C PRO D 42 8.38 -19.07 -32.69
N ILE D 43 8.99 -17.90 -32.52
CA ILE D 43 8.24 -16.64 -32.38
C ILE D 43 8.90 -15.45 -33.09
N CYS D 50 17.50 -17.50 -34.71
CA CYS D 50 16.11 -17.75 -34.30
C CYS D 50 15.83 -17.77 -32.77
N ILE D 51 14.55 -17.59 -32.42
CA ILE D 51 14.09 -17.59 -31.05
C ILE D 51 12.86 -18.48 -30.92
N TYR D 52 12.89 -19.38 -29.95
CA TYR D 52 11.80 -20.30 -29.69
C TYR D 52 11.32 -20.19 -28.25
N LEU D 53 10.05 -20.48 -28.02
CA LEU D 53 9.56 -20.66 -26.66
C LEU D 53 10.25 -21.88 -26.05
N ALA D 54 10.39 -21.89 -24.73
CA ALA D 54 11.10 -22.97 -24.04
C ALA D 54 10.64 -23.09 -22.60
N ASP D 55 10.77 -24.30 -22.06
CA ASP D 55 10.45 -24.57 -20.69
C ASP D 55 11.27 -25.75 -20.21
N MET D 56 11.26 -25.97 -18.89
CA MET D 56 11.88 -27.15 -18.30
C MET D 56 11.28 -28.41 -18.92
N ASN D 57 12.10 -29.44 -19.08
CA ASN D 57 11.62 -30.69 -19.69
C ASN D 57 10.62 -31.32 -18.79
N SER D 61 4.05 -30.53 -22.85
CA SER D 61 4.56 -29.80 -24.00
C SER D 61 4.66 -28.30 -23.68
N VAL D 62 5.50 -27.60 -24.42
CA VAL D 62 5.75 -26.19 -24.17
C VAL D 62 4.60 -25.36 -24.75
N GLY D 63 3.95 -24.58 -23.89
CA GLY D 63 2.77 -23.81 -24.27
C GLY D 63 3.04 -22.39 -24.72
N SER D 64 1.98 -21.70 -25.15
CA SER D 64 2.03 -20.27 -25.54
C SER D 64 2.37 -19.33 -24.38
N ASP D 65 2.21 -19.81 -23.14
CA ASP D 65 2.55 -19.07 -21.91
C ASP D 65 3.91 -19.52 -21.27
N ALA D 66 4.81 -20.07 -22.07
CA ALA D 66 6.11 -20.54 -21.60
C ALA D 66 6.87 -19.40 -20.91
N PRO D 67 7.54 -19.68 -19.78
CA PRO D 67 8.25 -18.62 -19.07
C PRO D 67 9.63 -18.27 -19.65
N CYS D 68 10.14 -19.05 -20.61
CA CYS D 68 11.45 -18.82 -21.20
C CYS D 68 11.42 -18.85 -22.70
N VAL D 69 12.53 -18.39 -23.28
CA VAL D 69 12.80 -18.57 -24.68
C VAL D 69 14.20 -19.14 -24.83
N VAL D 70 14.45 -19.75 -25.96
CA VAL D 70 15.80 -20.16 -26.32
C VAL D 70 16.22 -19.41 -27.56
N LYS D 71 17.38 -18.76 -27.48
CA LYS D 71 18.00 -18.09 -28.61
C LYS D 71 19.08 -19.00 -29.12
N VAL D 72 19.20 -19.08 -30.45
CA VAL D 72 20.12 -20.04 -31.09
C VAL D 72 20.88 -19.38 -32.23
N GLU D 73 22.18 -19.65 -32.30
CA GLU D 73 23.06 -19.19 -33.37
C GLU D 73 24.06 -20.32 -33.68
N PRO D 74 24.69 -20.27 -34.87
CA PRO D 74 25.81 -21.21 -35.10
C PRO D 74 26.90 -21.09 -34.00
N SER D 75 27.57 -22.18 -33.68
CA SER D 75 28.64 -22.19 -32.67
C SER D 75 29.76 -21.18 -32.96
N ASP D 76 29.99 -20.86 -34.22
CA ASP D 76 31.00 -19.84 -34.60
C ASP D 76 30.51 -18.38 -34.46
N ASN D 77 29.22 -18.19 -34.17
CA ASN D 77 28.64 -16.87 -34.12
C ASN D 77 29.18 -16.15 -32.86
N GLY D 78 29.81 -15.01 -33.13
CA GLY D 78 30.34 -14.16 -32.10
C GLY D 78 29.29 -13.60 -31.14
N PRO D 79 28.18 -13.06 -31.62
CA PRO D 79 27.27 -12.34 -30.72
C PRO D 79 26.70 -13.11 -29.55
N LEU D 80 26.26 -14.33 -29.76
CA LEU D 80 25.74 -15.09 -28.66
C LEU D 80 26.83 -15.35 -27.60
N PHE D 81 28.06 -15.63 -28.05
CA PHE D 81 29.18 -15.86 -27.14
C PHE D 81 29.48 -14.60 -26.31
N THR D 82 29.44 -13.46 -26.98
CA THR D 82 29.66 -12.21 -26.32
C THR D 82 28.58 -12.00 -25.27
N GLU D 83 27.35 -12.33 -25.63
CA GLU D 83 26.21 -12.19 -24.74
C GLU D 83 26.35 -13.09 -23.51
N LEU D 84 26.77 -14.32 -23.75
CA LEU D 84 26.91 -15.28 -22.68
C LEU D 84 27.96 -14.81 -21.68
N LYS D 85 29.06 -14.28 -22.19
CA LYS D 85 30.09 -13.80 -21.30
C LYS D 85 29.62 -12.59 -20.48
N PHE D 86 28.85 -11.68 -21.09
CA PHE D 86 28.22 -10.58 -20.34
C PHE D 86 27.40 -11.12 -19.18
N TYR D 87 26.48 -12.04 -19.49
CA TYR D 87 25.57 -12.53 -18.45
C TYR D 87 26.30 -13.24 -17.31
N GLN D 88 27.31 -14.05 -17.67
CA GLN D 88 28.06 -14.77 -16.67
C GLN D 88 28.89 -13.87 -15.78
N ARG D 89 29.40 -12.77 -16.33
CA ARG D 89 30.26 -11.90 -15.57
C ARG D 89 29.47 -10.87 -14.74
N ALA D 90 28.43 -10.33 -15.36
CA ALA D 90 27.80 -9.08 -14.86
C ALA D 90 26.32 -9.16 -14.52
N ALA D 91 25.65 -10.25 -14.93
CA ALA D 91 24.22 -10.29 -14.75
C ALA D 91 23.73 -11.59 -14.15
N LYS D 92 24.50 -12.08 -13.20
CA LYS D 92 24.06 -13.23 -12.41
C LYS D 92 22.88 -12.76 -11.52
N PRO D 93 21.92 -13.67 -11.29
CA PRO D 93 20.79 -13.36 -10.45
C PRO D 93 21.08 -12.69 -9.14
N GLU D 94 22.11 -13.11 -8.42
CA GLU D 94 22.44 -12.49 -7.11
C GLU D 94 23.00 -11.06 -7.22
N GLN D 95 23.72 -10.80 -8.29
CA GLN D 95 24.24 -9.47 -8.60
C GLN D 95 23.07 -8.49 -8.85
N ILE D 96 22.11 -8.93 -9.65
CA ILE D 96 20.91 -8.15 -9.94
C ILE D 96 20.10 -7.89 -8.66
N GLN D 97 19.86 -8.96 -7.90
CA GLN D 97 19.06 -8.82 -6.67
C GLN D 97 19.74 -7.92 -5.68
N LYS D 98 21.05 -8.03 -5.52
CA LYS D 98 21.77 -7.11 -4.63
C LYS D 98 21.60 -5.65 -5.04
N TRP D 99 21.67 -5.36 -6.33
CA TRP D 99 21.49 -4.00 -6.78
C TRP D 99 20.10 -3.46 -6.53
N ILE D 100 19.09 -4.30 -6.83
CA ILE D 100 17.70 -3.93 -6.58
C ILE D 100 17.50 -3.55 -5.10
N ARG D 101 18.04 -4.39 -4.22
CA ARG D 101 17.94 -4.17 -2.77
C ARG D 101 18.68 -2.89 -2.33
N THR D 102 19.95 -2.76 -2.68
CA THR D 102 20.75 -1.64 -2.21
C THR D 102 20.31 -0.29 -2.78
N ARG D 103 19.85 -0.28 -4.05
CA ARG D 103 19.39 0.96 -4.69
CA ARG D 103 19.39 0.94 -4.71
C ARG D 103 17.90 1.19 -4.48
N LYS D 104 17.22 0.30 -3.75
CA LYS D 104 15.79 0.44 -3.41
C LYS D 104 14.92 0.59 -4.65
N LEU D 105 15.14 -0.27 -5.66
CA LEU D 105 14.37 -0.22 -6.88
C LEU D 105 13.20 -1.17 -6.78
N LYS D 106 12.15 -0.86 -7.53
CA LYS D 106 10.99 -1.73 -7.69
C LYS D 106 11.34 -2.94 -8.52
N TYR D 107 12.16 -2.74 -9.55
CA TYR D 107 12.64 -3.85 -10.37
C TYR D 107 13.94 -3.35 -11.08
N LEU D 108 14.62 -4.23 -11.80
CA LEU D 108 15.72 -3.82 -12.69
C LEU D 108 15.54 -4.53 -14.01
N GLY D 109 15.51 -3.77 -15.11
CA GLY D 109 15.25 -4.32 -16.42
C GLY D 109 16.41 -5.01 -17.13
N VAL D 110 17.13 -5.87 -16.41
CA VAL D 110 18.16 -6.73 -16.99
C VAL D 110 17.54 -8.13 -16.97
N PRO D 111 17.43 -8.79 -18.12
CA PRO D 111 16.81 -10.11 -18.17
C PRO D 111 17.52 -11.15 -17.34
N LYS D 112 16.79 -12.13 -16.87
CA LYS D 112 17.42 -13.31 -16.24
C LYS D 112 17.91 -14.31 -17.28
N TYR D 113 19.14 -14.74 -17.06
CA TYR D 113 19.83 -15.76 -17.83
C TYR D 113 19.61 -17.07 -17.07
N TRP D 114 19.08 -18.07 -17.76
CA TRP D 114 18.75 -19.37 -17.17
C TRP D 114 19.70 -20.51 -17.53
N GLY D 115 20.44 -20.41 -18.63
CA GLY D 115 21.41 -21.44 -18.99
C GLY D 115 21.86 -21.34 -20.42
N SER D 116 22.87 -22.12 -20.77
CA SER D 116 23.37 -22.15 -22.14
C SER D 116 24.01 -23.47 -22.45
N GLY D 117 24.21 -23.70 -23.73
CA GLY D 117 24.77 -24.98 -24.17
C GLY D 117 25.09 -25.04 -25.63
N LEU D 118 25.30 -26.27 -26.09
CA LEU D 118 25.58 -26.56 -27.48
C LEU D 118 24.57 -27.60 -27.92
N HIS D 119 24.10 -27.49 -29.15
CA HIS D 119 23.19 -28.47 -29.72
C HIS D 119 23.56 -28.72 -31.15
N ASP D 120 23.87 -29.97 -31.49
CA ASP D 120 24.21 -30.33 -32.88
C ASP D 120 22.96 -30.87 -33.57
N LYS D 121 22.67 -30.38 -34.77
CA LYS D 121 21.45 -30.70 -35.52
C LYS D 121 21.74 -30.69 -37.03
N ASN D 122 21.37 -31.79 -37.70
CA ASN D 122 21.65 -32.00 -39.14
C ASN D 122 23.15 -31.79 -39.48
N GLY D 123 24.02 -32.33 -38.63
CA GLY D 123 25.46 -32.19 -38.77
C GLY D 123 26.09 -30.82 -38.51
N LYS D 124 25.30 -29.79 -38.20
CA LYS D 124 25.82 -28.44 -37.91
C LYS D 124 25.77 -28.14 -36.42
N SER D 125 26.72 -27.39 -35.88
CA SER D 125 26.82 -27.15 -34.42
C SER D 125 26.26 -25.77 -34.06
N TYR D 126 25.36 -25.74 -33.08
CA TYR D 126 24.70 -24.50 -32.64
C TYR D 126 24.96 -24.24 -31.17
N ARG D 127 25.01 -22.96 -30.82
CA ARG D 127 25.07 -22.48 -29.45
C ARG D 127 23.68 -21.97 -29.07
N PHE D 128 23.28 -22.19 -27.82
CA PHE D 128 22.02 -21.63 -27.36
C PHE D 128 22.13 -20.97 -26.00
N MET D 129 21.17 -20.08 -25.76
CA MET D 129 20.97 -19.47 -24.46
C MET D 129 19.48 -19.47 -24.12
N ILE D 130 19.18 -19.83 -22.88
CA ILE D 130 17.83 -19.78 -22.34
C ILE D 130 17.69 -18.49 -21.51
N MET D 131 16.67 -17.69 -21.82
CA MET D 131 16.43 -16.38 -21.20
C MET D 131 14.96 -16.22 -20.88
N ASP D 132 14.65 -15.19 -20.09
CA ASP D 132 13.28 -14.83 -19.77
C ASP D 132 12.49 -14.67 -21.04
N ARG D 133 11.23 -15.14 -21.00
CA ARG D 133 10.25 -14.77 -22.00
C ARG D 133 9.62 -13.42 -21.61
N PHE D 134 9.50 -12.54 -22.59
CA PHE D 134 8.92 -11.22 -22.39
C PHE D 134 7.66 -11.05 -23.25
N GLY D 135 6.98 -9.92 -23.02
CA GLY D 135 5.89 -9.48 -23.87
C GLY D 135 6.39 -8.71 -25.06
N SER D 136 5.64 -7.67 -25.43
CA SER D 136 5.89 -6.94 -26.65
C SER D 136 7.17 -6.09 -26.55
N ASP D 137 7.80 -5.86 -27.68
CA ASP D 137 8.84 -4.85 -27.78
C ASP D 137 8.18 -3.48 -27.92
N LEU D 138 8.93 -2.43 -27.58
CA LEU D 138 8.41 -1.06 -27.66
C LEU D 138 8.24 -0.55 -29.07
N GLN D 139 8.99 -1.09 -30.04
CA GLN D 139 8.90 -0.61 -31.41
C GLN D 139 7.50 -0.90 -32.00
N LYS D 140 6.96 -2.08 -31.71
CA LYS D 140 5.58 -2.44 -32.13
C LYS D 140 4.55 -1.47 -31.55
N ILE D 141 4.65 -1.18 -30.26
CA ILE D 141 3.74 -0.31 -29.56
C ILE D 141 3.86 1.14 -30.08
N TYR D 142 5.10 1.57 -30.31
CA TYR D 142 5.38 2.88 -30.90
C TYR D 142 4.73 3.03 -32.29
N GLU D 143 4.92 2.04 -33.14
CA GLU D 143 4.35 2.09 -34.48
C GLU D 143 2.81 2.09 -34.44
N ALA D 144 2.23 1.30 -33.53
CA ALA D 144 0.78 1.28 -33.32
C ALA D 144 0.24 2.61 -32.79
N ASN D 145 1.08 3.41 -32.16
CA ASN D 145 0.71 4.72 -31.61
C ASN D 145 1.09 5.87 -32.57
N ALA D 146 1.14 5.60 -33.86
CA ALA D 146 1.48 6.56 -34.91
C ALA D 146 2.89 7.18 -34.70
N LYS D 147 3.82 6.34 -34.23
CA LYS D 147 5.21 6.74 -34.01
C LYS D 147 5.37 7.93 -33.09
N ARG D 148 4.68 7.86 -31.95
CA ARG D 148 4.88 8.77 -30.85
C ARG D 148 4.77 8.01 -29.54
N PHE D 149 5.53 8.45 -28.54
CA PHE D 149 5.22 8.25 -27.15
C PHE D 149 5.08 9.61 -26.53
N SER D 150 4.22 9.69 -25.51
CA SER D 150 4.00 10.93 -24.79
C SER D 150 5.22 11.34 -24.02
N ARG D 151 5.29 12.61 -23.63
CA ARG D 151 6.35 13.09 -22.79
C ARG D 151 6.47 12.32 -21.47
N LYS D 152 5.32 12.08 -20.84
CA LYS D 152 5.25 11.25 -19.61
C LYS D 152 5.91 9.88 -19.83
N THR D 153 5.48 9.19 -20.87
CA THR D 153 5.97 7.87 -21.19
C THR D 153 7.50 7.89 -21.46
N VAL D 154 7.96 8.86 -22.25
CA VAL D 154 9.38 8.92 -22.59
C VAL D 154 10.22 9.11 -21.33
N LEU D 155 9.77 10.00 -20.45
CA LEU D 155 10.51 10.26 -19.23
C LEU D 155 10.52 9.00 -18.32
N GLN D 156 9.39 8.32 -18.21
CA GLN D 156 9.30 7.10 -17.39
C GLN D 156 10.14 5.94 -17.97
N LEU D 157 10.10 5.76 -19.27
CA LEU D 157 10.97 4.79 -19.95
C LEU D 157 12.44 5.10 -19.66
N SER D 158 12.79 6.38 -19.82
CA SER D 158 14.18 6.80 -19.72
C SER D 158 14.76 6.68 -18.32
N LEU D 159 13.94 6.92 -17.30
CA LEU D 159 14.35 6.71 -15.93
C LEU D 159 14.74 5.24 -15.68
N ARG D 160 13.96 4.32 -16.21
CA ARG D 160 14.19 2.88 -16.02
C ARG D 160 15.40 2.42 -16.85
N ILE D 161 15.56 3.02 -18.02
CA ILE D 161 16.75 2.74 -18.85
C ILE D 161 18.01 3.27 -18.16
N LEU D 162 17.92 4.41 -17.49
CA LEU D 162 19.05 4.94 -16.76
C LEU D 162 19.45 3.97 -15.65
N ASP D 163 18.46 3.35 -15.01
CA ASP D 163 18.76 2.39 -13.96
C ASP D 163 19.57 1.22 -14.55
N ILE D 164 19.13 0.73 -15.70
CA ILE D 164 19.80 -0.39 -16.36
C ILE D 164 21.21 -0.03 -16.82
N LEU D 165 21.35 1.15 -17.40
CA LEU D 165 22.65 1.60 -17.85
C LEU D 165 23.62 1.78 -16.69
N GLU D 166 23.16 2.36 -15.60
CA GLU D 166 24.02 2.57 -14.45
C GLU D 166 24.50 1.19 -13.94
N TYR D 167 23.59 0.23 -13.87
CA TYR D 167 23.94 -1.15 -13.46
C TYR D 167 25.01 -1.74 -14.34
N ILE D 168 24.77 -1.78 -15.66
CA ILE D 168 25.73 -2.45 -16.52
C ILE D 168 27.06 -1.72 -16.52
N HIS D 169 27.02 -0.38 -16.55
CA HIS D 169 28.23 0.41 -16.50
C HIS D 169 29.07 0.14 -15.25
N GLU D 170 28.40 0.05 -14.11
CA GLU D 170 29.08 -0.25 -12.87
C GLU D 170 29.58 -1.70 -12.82
N HIS D 171 29.10 -2.56 -13.71
CA HIS D 171 29.62 -3.92 -13.86
C HIS D 171 30.51 -4.08 -15.11
N GLU D 172 31.14 -2.99 -15.53
CA GLU D 172 32.19 -2.93 -16.55
C GLU D 172 31.76 -3.03 -18.01
N TYR D 173 30.46 -2.95 -18.30
CA TYR D 173 29.93 -3.11 -19.65
C TYR D 173 29.12 -1.92 -20.13
N VAL D 174 29.19 -1.68 -21.44
CA VAL D 174 28.23 -0.80 -22.13
C VAL D 174 27.42 -1.61 -23.13
N HIS D 175 26.22 -1.14 -23.47
CA HIS D 175 25.32 -1.87 -24.34
C HIS D 175 25.55 -1.52 -25.83
N GLY D 176 25.61 -0.22 -26.13
CA GLY D 176 25.89 0.26 -27.48
C GLY D 176 24.79 0.17 -28.53
N ASP D 177 23.61 -0.29 -28.15
CA ASP D 177 22.53 -0.51 -29.12
C ASP D 177 21.13 -0.40 -28.50
N ILE D 178 20.97 0.60 -27.67
CA ILE D 178 19.67 0.91 -27.08
C ILE D 178 18.71 1.41 -28.18
N LYS D 179 17.55 0.81 -28.26
CA LYS D 179 16.48 1.20 -29.20
C LYS D 179 15.21 0.48 -28.82
N ALA D 180 14.09 0.96 -29.35
CA ALA D 180 12.76 0.42 -28.98
C ALA D 180 12.60 -1.08 -29.28
N SER D 181 13.19 -1.55 -30.35
CA SER D 181 13.14 -2.97 -30.69
C SER D 181 13.94 -3.88 -29.70
N ASN D 182 14.84 -3.28 -28.92
CA ASN D 182 15.59 -3.98 -27.85
C ASN D 182 15.03 -3.70 -26.47
N LEU D 183 13.84 -3.11 -26.39
CA LEU D 183 13.19 -2.82 -25.12
C LEU D 183 11.90 -3.64 -25.08
N LEU D 184 11.82 -4.62 -24.17
CA LEU D 184 10.67 -5.51 -24.08
C LEU D 184 10.01 -5.37 -22.74
N LEU D 185 8.69 -5.55 -22.75
CA LEU D 185 7.91 -5.48 -21.52
C LEU D 185 7.91 -6.81 -20.81
N ASN D 186 7.93 -6.75 -19.49
CA ASN D 186 7.71 -7.92 -18.63
C ASN D 186 6.38 -8.57 -19.07
N TYR D 187 6.42 -9.88 -19.26
CA TYR D 187 5.28 -10.64 -19.76
C TYR D 187 4.07 -10.52 -18.81
N LYS D 188 4.33 -10.46 -17.51
CA LYS D 188 3.29 -10.37 -16.48
C LYS D 188 3.02 -8.93 -15.99
N ASN D 189 3.86 -7.95 -16.35
CA ASN D 189 3.69 -6.56 -15.88
C ASN D 189 4.11 -5.55 -16.97
N PRO D 190 3.13 -4.96 -17.68
CA PRO D 190 3.45 -4.04 -18.78
C PRO D 190 3.94 -2.63 -18.36
N ASP D 191 4.13 -2.38 -17.07
CA ASP D 191 4.86 -1.19 -16.63
C ASP D 191 6.36 -1.41 -16.36
N GLN D 192 6.88 -2.60 -16.69
CA GLN D 192 8.30 -2.90 -16.46
C GLN D 192 8.96 -3.19 -17.80
N VAL D 193 9.96 -2.38 -18.13
CA VAL D 193 10.65 -2.50 -19.39
C VAL D 193 12.06 -3.05 -19.15
N TYR D 194 12.46 -3.96 -20.03
CA TYR D 194 13.75 -4.62 -19.98
C TYR D 194 14.55 -4.33 -21.24
N LEU D 195 15.87 -4.15 -21.07
CA LEU D 195 16.77 -3.98 -22.20
C LEU D 195 17.40 -5.33 -22.54
N VAL D 196 17.27 -5.75 -23.80
CA VAL D 196 17.78 -7.04 -24.24
C VAL D 196 18.84 -6.84 -25.31
N ASP D 197 19.46 -7.96 -25.67
CA ASP D 197 20.48 -8.09 -26.70
C ASP D 197 21.84 -7.47 -26.33
N TYR D 198 22.69 -8.25 -25.70
CA TYR D 198 24.04 -7.85 -25.30
C TYR D 198 25.09 -8.57 -26.18
N GLY D 199 24.66 -9.02 -27.36
CA GLY D 199 25.49 -9.44 -28.43
C GLY D 199 26.62 -8.56 -28.87
N LEU D 200 26.41 -7.26 -28.79
CA LEU D 200 27.51 -6.28 -29.07
C LEU D 200 27.89 -5.47 -27.86
N ALA D 201 27.57 -5.97 -26.66
CA ALA D 201 28.01 -5.33 -25.43
C ALA D 201 29.53 -5.40 -25.35
N TYR D 202 30.09 -4.40 -24.68
CA TYR D 202 31.51 -4.21 -24.68
C TYR D 202 31.98 -4.00 -23.25
N ARG D 203 33.03 -4.76 -22.86
CA ARG D 203 33.62 -4.61 -21.56
C ARG D 203 34.62 -3.49 -21.62
N TYR D 204 34.14 -2.28 -21.30
CA TYR D 204 34.89 -1.05 -21.47
C TYR D 204 35.87 -0.81 -20.32
N CYS D 205 35.70 -1.47 -19.18
CA CYS D 205 36.48 -1.13 -17.98
C CYS D 205 36.95 -2.40 -17.22
N PRO D 206 37.61 -3.35 -17.92
CA PRO D 206 37.99 -4.60 -17.23
C PRO D 206 38.88 -4.33 -16.04
N GLU D 207 38.44 -4.84 -14.88
CA GLU D 207 39.14 -4.64 -13.60
C GLU D 207 39.38 -3.19 -13.28
N GLY D 208 38.42 -2.33 -13.64
CA GLY D 208 38.54 -0.91 -13.37
C GLY D 208 39.49 -0.10 -14.21
N VAL D 209 40.04 -0.67 -15.27
CA VAL D 209 40.96 0.06 -16.16
C VAL D 209 40.21 0.40 -17.47
N HIS D 210 39.94 1.68 -17.69
CA HIS D 210 39.17 2.10 -18.88
C HIS D 210 39.94 1.89 -20.15
N LYS D 211 39.28 1.32 -21.16
CA LYS D 211 39.81 1.25 -22.52
C LYS D 211 40.25 2.61 -23.01
N ALA D 212 41.46 2.74 -23.56
CA ALA D 212 41.93 4.06 -24.01
C ALA D 212 41.26 4.44 -25.35
N TYR D 213 41.10 5.73 -25.57
CA TYR D 213 40.50 6.26 -26.78
C TYR D 213 41.36 5.92 -27.98
N ALA D 214 40.78 5.28 -28.98
CA ALA D 214 41.48 5.11 -30.25
C ALA D 214 40.47 4.80 -31.35
N ALA D 215 40.73 5.28 -32.54
CA ALA D 215 39.84 5.08 -33.69
C ALA D 215 40.34 3.85 -34.41
N ASP D 216 39.49 2.84 -34.53
CA ASP D 216 39.80 1.56 -35.15
C ASP D 216 38.92 1.46 -36.39
N PRO D 217 39.52 1.43 -37.61
CA PRO D 217 38.69 1.35 -38.83
C PRO D 217 37.76 0.14 -38.88
N LYS D 218 38.11 -0.94 -38.20
CA LYS D 218 37.22 -2.11 -38.09
C LYS D 218 35.93 -1.86 -37.28
N ARG D 219 35.89 -0.79 -36.48
CA ARG D 219 34.69 -0.47 -35.68
C ARG D 219 33.83 0.69 -36.22
N CYS D 220 34.26 1.38 -37.27
CA CYS D 220 33.53 2.55 -37.73
C CYS D 220 32.07 2.21 -38.04
N HIS D 221 31.19 2.98 -37.41
CA HIS D 221 29.73 2.90 -37.63
C HIS D 221 29.07 1.68 -37.07
N ASP D 222 29.64 1.02 -36.06
CA ASP D 222 28.96 -0.03 -35.36
C ASP D 222 27.70 0.51 -34.65
N GLY D 223 26.83 -0.39 -34.27
CA GLY D 223 25.52 -0.08 -33.65
C GLY D 223 24.46 0.05 -34.71
N THR D 224 23.32 0.65 -34.36
CA THR D 224 22.23 0.89 -35.29
C THR D 224 22.41 2.33 -35.79
N ILE D 225 22.58 2.52 -37.10
CA ILE D 225 23.12 3.76 -37.62
C ILE D 225 22.34 5.01 -37.19
N GLU D 226 21.01 4.97 -37.15
CA GLU D 226 20.28 6.20 -36.81
C GLU D 226 20.44 6.60 -35.34
N PHE D 227 20.76 5.64 -34.47
CA PHE D 227 20.87 5.90 -33.03
C PHE D 227 22.28 5.86 -32.46
N THR D 228 23.27 5.38 -33.23
CA THR D 228 24.57 5.07 -32.63
C THR D 228 25.32 6.33 -32.26
N SER D 229 26.33 6.18 -31.41
CA SER D 229 27.11 7.31 -30.91
C SER D 229 28.07 7.87 -31.92
N ILE D 230 28.45 9.13 -31.74
CA ILE D 230 29.52 9.73 -32.53
C ILE D 230 30.81 8.91 -32.38
N ASP D 231 31.13 8.48 -31.14
CA ASP D 231 32.27 7.61 -30.93
C ASP D 231 32.23 6.40 -31.84
N ALA D 232 31.10 5.70 -31.89
CA ALA D 232 30.97 4.51 -32.73
C ALA D 232 31.13 4.84 -34.20
N HIS D 233 30.58 5.98 -34.64
CA HIS D 233 30.78 6.41 -36.03
C HIS D 233 32.26 6.63 -36.33
N ASN D 234 33.01 7.10 -35.34
CA ASN D 234 34.45 7.36 -35.47
C ASN D 234 35.32 6.08 -35.36
N GLY D 235 34.73 4.92 -35.16
CA GLY D 235 35.46 3.66 -34.94
C GLY D 235 36.07 3.53 -33.55
N VAL D 236 35.50 4.25 -32.61
CA VAL D 236 36.01 4.22 -31.23
C VAL D 236 35.19 3.22 -30.46
N ALA D 237 35.83 2.37 -29.66
CA ALA D 237 35.08 1.40 -28.86
C ALA D 237 34.04 2.13 -27.98
N PRO D 238 32.87 1.53 -27.79
CA PRO D 238 31.81 2.24 -27.09
C PRO D 238 32.16 2.43 -25.60
N SER D 239 31.73 3.56 -25.03
CA SER D 239 31.93 3.84 -23.62
C SER D 239 30.64 4.40 -23.04
N ARG D 240 30.69 4.85 -21.79
CA ARG D 240 29.47 5.19 -21.08
C ARG D 240 28.74 6.39 -21.73
N ARG D 241 29.47 7.39 -22.17
CA ARG D 241 28.82 8.54 -22.79
C ARG D 241 28.04 8.16 -24.03
N GLY D 242 28.56 7.20 -24.78
CA GLY D 242 27.90 6.69 -25.97
C GLY D 242 26.53 6.12 -25.66
N ASP D 243 26.42 5.33 -24.60
CA ASP D 243 25.13 4.76 -24.25
C ASP D 243 24.11 5.85 -23.92
N LEU D 244 24.56 6.90 -23.23
CA LEU D 244 23.68 8.01 -22.85
C LEU D 244 23.28 8.85 -24.06
N GLU D 245 24.20 8.98 -25.00
CA GLU D 245 23.92 9.66 -26.26
C GLU D 245 22.88 8.92 -27.08
N ILE D 246 23.02 7.60 -27.16
CA ILE D 246 22.08 6.75 -27.87
C ILE D 246 20.70 6.92 -27.27
N LEU D 247 20.61 6.89 -25.93
CA LEU D 247 19.32 7.10 -25.27
C LEU D 247 18.72 8.48 -25.63
N GLY D 248 19.55 9.50 -25.71
CA GLY D 248 19.13 10.84 -26.13
C GLY D 248 18.48 10.84 -27.48
N TYR D 249 19.10 10.17 -28.46
CA TYR D 249 18.52 10.07 -29.79
C TYR D 249 17.21 9.30 -29.77
N CYS D 250 17.15 8.22 -29.01
CA CYS D 250 15.89 7.49 -28.83
C CYS D 250 14.77 8.40 -28.27
N MET D 251 15.06 9.19 -27.26
CA MET D 251 14.08 10.05 -26.62
C MET D 251 13.51 11.04 -27.65
N ILE D 252 14.37 11.61 -28.46
CA ILE D 252 13.90 12.55 -29.50
C ILE D 252 13.03 11.83 -30.54
N GLN D 253 13.49 10.68 -31.03
CA GLN D 253 12.73 9.84 -31.95
C GLN D 253 11.35 9.54 -31.39
N TRP D 254 11.30 9.14 -30.13
CA TRP D 254 10.05 8.76 -29.50
C TRP D 254 9.09 9.95 -29.33
N LEU D 255 9.63 11.08 -28.93
CA LEU D 255 8.84 12.29 -28.68
C LEU D 255 8.27 12.88 -29.98
N THR D 256 9.05 12.83 -31.06
CA THR D 256 8.75 13.61 -32.27
C THR D 256 8.41 12.77 -33.49
N GLY D 257 8.67 11.47 -33.45
CA GLY D 257 8.56 10.62 -34.62
C GLY D 257 9.69 10.66 -35.63
N HIS D 258 10.70 11.49 -35.40
CA HIS D 258 11.76 11.73 -36.38
C HIS D 258 13.14 11.97 -35.75
N LEU D 259 14.17 11.80 -36.58
CA LEU D 259 15.49 12.37 -36.30
C LEU D 259 15.98 13.08 -37.56
N PRO D 260 16.80 14.12 -37.38
CA PRO D 260 17.19 14.94 -38.53
C PRO D 260 17.88 14.23 -39.69
N TRP D 261 18.61 13.17 -39.39
CA TRP D 261 19.43 12.45 -40.37
C TRP D 261 18.73 11.23 -40.96
N GLU D 262 17.45 11.04 -40.65
CA GLU D 262 16.74 9.81 -40.98
C GLU D 262 16.52 9.58 -42.50
N ASP D 263 16.63 10.62 -43.30
CA ASP D 263 16.51 10.49 -44.76
C ASP D 263 17.80 10.11 -45.48
N ASN D 264 18.92 10.03 -44.76
CA ASN D 264 20.16 9.63 -45.46
C ASN D 264 20.95 8.61 -44.65
N LEU D 265 20.26 7.59 -44.18
CA LEU D 265 20.88 6.54 -43.37
C LEU D 265 21.83 5.64 -44.17
N LYS D 266 21.71 5.65 -45.50
CA LYS D 266 22.65 4.94 -46.37
C LYS D 266 23.98 5.67 -46.54
N ASP D 267 24.12 6.87 -46.01
CA ASP D 267 25.35 7.63 -46.05
C ASP D 267 25.90 7.81 -44.62
N PRO D 268 26.74 6.87 -44.15
CA PRO D 268 27.16 6.94 -42.75
C PRO D 268 27.94 8.21 -42.38
N LYS D 269 28.72 8.74 -43.31
CA LYS D 269 29.46 9.97 -43.05
C LYS D 269 28.52 11.16 -42.84
N TYR D 270 27.42 11.22 -43.59
CA TYR D 270 26.41 12.24 -43.41
C TYR D 270 25.75 12.12 -42.02
N VAL D 271 25.42 10.90 -41.62
CA VAL D 271 24.80 10.71 -40.33
C VAL D 271 25.74 11.15 -39.22
N ARG D 272 27.01 10.78 -39.34
CA ARG D 272 27.99 11.16 -38.34
C ARG D 272 28.16 12.66 -38.28
N ASP D 273 28.26 13.28 -39.44
CA ASP D 273 28.47 14.72 -39.54
C ASP D 273 27.29 15.52 -38.97
N SER D 274 26.09 15.05 -39.25
CA SER D 274 24.86 15.65 -38.71
C SER D 274 24.84 15.56 -37.19
N LYS D 275 25.14 14.38 -36.64
CA LYS D 275 25.20 14.27 -35.17
C LYS D 275 26.25 15.20 -34.56
N ILE D 276 27.40 15.31 -35.20
CA ILE D 276 28.44 16.18 -34.71
C ILE D 276 27.98 17.63 -34.73
N ARG D 277 27.31 18.01 -35.81
CA ARG D 277 26.81 19.37 -35.93
C ARG D 277 25.79 19.68 -34.84
N TYR D 278 24.90 18.72 -34.60
CA TYR D 278 23.86 18.85 -33.59
C TYR D 278 24.36 18.79 -32.14
N ARG D 279 25.52 18.20 -31.94
CA ARG D 279 26.18 18.17 -30.65
C ARG D 279 26.82 19.54 -30.40
N GLU D 280 27.44 20.07 -31.45
CA GLU D 280 28.10 21.36 -31.39
C GLU D 280 27.12 22.47 -31.11
N ASN D 281 25.94 22.35 -31.68
CA ASN D 281 24.87 23.36 -31.57
C ASN D 281 23.56 22.69 -31.18
N ILE D 282 23.40 22.43 -29.88
CA ILE D 282 22.23 21.74 -29.35
C ILE D 282 20.97 22.59 -29.51
N ALA D 283 21.08 23.92 -29.41
CA ALA D 283 19.91 24.79 -29.68
C ALA D 283 19.35 24.53 -31.08
N SER D 284 20.22 24.34 -32.07
CA SER D 284 19.77 24.03 -33.43
C SER D 284 19.10 22.67 -33.51
N LEU D 285 19.54 21.71 -32.69
CA LEU D 285 18.86 20.41 -32.66
C LEU D 285 17.44 20.56 -32.11
N MET D 286 17.30 21.35 -31.05
CA MET D 286 16.00 21.57 -30.45
C MET D 286 15.07 22.28 -31.44
N ASP D 287 15.61 23.28 -32.15
CA ASP D 287 14.83 24.01 -33.20
C ASP D 287 14.40 23.11 -34.30
N LYS D 288 15.29 22.22 -34.71
CA LYS D 288 15.02 21.28 -35.81
C LYS D 288 13.95 20.27 -35.43
N CYS D 289 14.05 19.70 -34.23
CA CYS D 289 13.21 18.56 -33.85
C CYS D 289 11.88 18.95 -33.21
N PHE D 290 11.82 20.11 -32.59
CA PHE D 290 10.62 20.51 -31.84
C PHE D 290 10.08 21.85 -32.35
N PRO D 291 8.75 22.06 -32.26
CA PRO D 291 8.24 23.45 -32.48
C PRO D 291 8.81 24.45 -31.45
N ALA D 292 8.97 25.69 -31.86
CA ALA D 292 9.45 26.68 -30.91
C ALA D 292 8.59 26.72 -29.65
N ALA D 293 7.25 26.51 -29.72
CA ALA D 293 6.42 26.58 -28.51
C ALA D 293 6.55 25.42 -27.56
N ASN D 294 7.12 24.33 -27.99
CA ASN D 294 6.91 23.06 -27.25
C ASN D 294 8.20 22.26 -27.28
N ALA D 295 9.30 22.90 -26.89
CA ALA D 295 10.60 22.15 -26.80
C ALA D 295 10.76 21.75 -25.35
N PRO D 296 10.86 20.45 -25.07
CA PRO D 296 11.01 20.06 -23.66
C PRO D 296 12.37 20.42 -23.13
N GLY D 297 12.43 21.28 -22.13
CA GLY D 297 13.67 21.80 -21.61
C GLY D 297 14.58 20.70 -21.03
N GLU D 298 13.98 19.63 -20.51
CA GLU D 298 14.78 18.51 -19.93
C GLU D 298 15.59 17.75 -20.98
N ILE D 299 15.10 17.69 -22.21
CA ILE D 299 15.79 17.02 -23.31
C ILE D 299 17.01 17.82 -23.69
N ALA D 300 16.90 19.14 -23.76
CA ALA D 300 18.06 19.97 -24.04
C ALA D 300 19.09 19.83 -22.94
N LYS D 301 18.65 19.85 -21.67
CA LYS D 301 19.59 19.74 -20.55
C LYS D 301 20.28 18.37 -20.55
N TYR D 302 19.51 17.34 -20.84
CA TYR D 302 20.04 15.98 -20.99
C TYR D 302 21.16 15.96 -22.05
N MET D 303 20.89 16.50 -23.23
CA MET D 303 21.87 16.52 -24.31
C MET D 303 23.10 17.36 -23.99
N GLU D 304 22.91 18.48 -23.30
CA GLU D 304 24.04 19.31 -22.84
C GLU D 304 24.90 18.55 -21.86
N THR D 305 24.28 17.80 -20.97
CA THR D 305 25.02 17.02 -19.97
C THR D 305 25.86 15.91 -20.64
N VAL D 306 25.27 15.22 -21.60
CA VAL D 306 25.98 14.18 -22.38
C VAL D 306 27.14 14.81 -23.17
N LYS D 307 26.89 15.97 -23.79
CA LYS D 307 27.92 16.67 -24.52
C LYS D 307 29.16 16.96 -23.65
N LEU D 308 28.93 17.26 -22.37
CA LEU D 308 30.03 17.55 -21.46
C LEU D 308 30.85 16.35 -21.01
N LEU D 309 30.37 15.12 -21.28
CA LEU D 309 31.14 13.94 -20.87
C LEU D 309 32.31 13.69 -21.78
N ASP D 310 33.49 13.46 -21.17
CA ASP D 310 34.62 12.92 -21.87
C ASP D 310 34.50 11.43 -22.05
N TYR D 311 35.35 10.90 -22.92
CA TYR D 311 35.27 9.50 -23.31
C TYR D 311 35.36 8.54 -22.13
N THR D 312 36.23 8.83 -21.18
CA THR D 312 36.43 7.94 -20.03
C THR D 312 35.65 8.34 -18.80
N GLU D 313 34.89 9.43 -18.88
CA GLU D 313 34.27 10.02 -17.70
C GLU D 313 33.08 9.21 -17.16
N LYS D 314 33.03 9.11 -15.84
CA LYS D 314 31.89 8.52 -15.16
C LYS D 314 30.74 9.51 -15.15
N PRO D 315 29.58 9.13 -15.71
CA PRO D 315 28.43 10.03 -15.67
C PRO D 315 27.96 10.22 -14.22
N LEU D 316 27.39 11.40 -13.97
CA LEU D 316 26.67 11.64 -12.73
C LEU D 316 25.23 11.28 -12.98
N TYR D 317 24.91 9.99 -12.72
CA TYR D 317 23.64 9.42 -13.08
C TYR D 317 22.52 10.08 -12.29
N GLU D 318 22.80 10.49 -11.06
CA GLU D 318 21.79 11.16 -10.24
C GLU D 318 21.39 12.50 -10.87
N ASN D 319 22.36 13.22 -11.39
CA ASN D 319 22.13 14.50 -12.04
C ASN D 319 21.24 14.27 -13.27
N LEU D 320 21.51 13.22 -14.03
CA LEU D 320 20.69 12.90 -15.20
C LEU D 320 19.27 12.54 -14.82
N ARG D 321 19.13 11.75 -13.76
CA ARG D 321 17.80 11.38 -13.31
C ARG D 321 17.03 12.62 -12.85
N ASP D 322 17.70 13.52 -12.15
CA ASP D 322 17.06 14.73 -11.67
C ASP D 322 16.57 15.58 -12.86
N ILE D 323 17.39 15.67 -13.91
CA ILE D 323 16.97 16.36 -15.14
C ILE D 323 15.65 15.81 -15.66
N LEU D 324 15.54 14.49 -15.74
CA LEU D 324 14.33 13.91 -16.26
C LEU D 324 13.16 14.10 -15.28
N LEU D 325 13.45 14.01 -13.98
CA LEU D 325 12.43 14.24 -12.95
C LEU D 325 11.87 15.67 -13.00
N GLN D 326 12.72 16.66 -13.26
CA GLN D 326 12.29 18.07 -13.49
C GLN D 326 11.28 18.13 -14.61
N GLY D 327 11.47 17.32 -15.65
CA GLY D 327 10.48 17.20 -16.72
C GLY D 327 9.14 16.69 -16.29
N LEU D 328 9.13 15.65 -15.46
CA LEU D 328 7.87 15.13 -14.94
C LEU D 328 7.14 16.18 -14.05
N LYS D 329 7.89 16.88 -13.21
CA LYS D 329 7.34 17.97 -12.39
C LYS D 329 6.75 19.07 -13.29
N ALA D 330 7.49 19.47 -14.33
CA ALA D 330 7.03 20.51 -15.25
C ALA D 330 5.70 20.20 -15.91
N ILE D 331 5.40 18.93 -16.16
CA ILE D 331 4.09 18.55 -16.73
C ILE D 331 3.04 18.18 -15.67
N GLY D 332 3.31 18.43 -14.40
CA GLY D 332 2.37 18.13 -13.33
C GLY D 332 2.23 16.63 -13.06
N SER D 333 3.32 15.89 -13.22
CA SER D 333 3.30 14.46 -12.91
C SER D 333 4.41 14.14 -11.93
N LYS D 334 4.65 12.83 -11.75
CA LYS D 334 5.69 12.36 -10.84
C LYS D 334 6.15 10.97 -11.32
N ASP D 335 7.28 10.51 -10.79
CA ASP D 335 7.74 9.15 -11.09
C ASP D 335 6.91 8.16 -10.27
N ASP D 336 5.81 7.73 -10.86
CA ASP D 336 4.93 6.77 -10.25
C ASP D 336 5.07 5.39 -10.94
N GLY D 337 6.12 5.20 -11.73
CA GLY D 337 6.34 3.95 -12.43
C GLY D 337 5.34 3.53 -13.48
N LYS D 338 4.43 4.44 -13.87
CA LYS D 338 3.38 4.09 -14.85
C LYS D 338 3.88 4.53 -16.23
N LEU D 339 4.02 3.57 -17.15
CA LEU D 339 4.56 3.87 -18.47
C LEU D 339 3.54 4.49 -19.41
N ASP D 340 2.26 4.29 -19.12
CA ASP D 340 1.14 4.83 -19.92
C ASP D 340 1.27 4.53 -21.41
N LEU D 341 1.54 3.28 -21.74
CA LEU D 341 1.67 2.87 -23.14
C LEU D 341 0.31 2.58 -23.77
S SO4 E . -51.36 -2.68 -8.95
O1 SO4 E . -50.47 -1.67 -9.58
O2 SO4 E . -52.28 -3.19 -9.98
O3 SO4 E . -52.14 -2.04 -7.88
O4 SO4 E . -50.59 -3.80 -8.39
S SO4 F . -12.58 15.02 -16.58
O1 SO4 F . -12.50 16.06 -17.64
O2 SO4 F . -11.27 14.33 -16.46
O3 SO4 F . -12.89 15.68 -15.30
O4 SO4 F . -13.64 14.01 -16.92
C4 E5M G . -3.07 -31.95 13.55
C14 E5M G . -9.41 -32.17 11.88
C5 E5M G . -4.42 -32.23 13.82
C6 E5M G . -2.36 -32.89 15.68
C11 E5M G . -8.17 -30.66 9.94
C7 E5M G . -3.77 -33.44 15.87
C8 E5M G . -0.71 -31.72 14.31
C9 E5M G . -6.17 -32.69 15.53
C10 E5M G . -3.82 -34.94 15.58
C12 E5M G . -9.55 -30.74 10.00
C13 E5M G . -10.19 -31.51 10.96
N1 E5M G . -5.99 -31.22 10.81
N2 E5M G . -3.74 -31.18 11.38
C3 E5M G . -2.79 -31.42 12.28
N3 E5M G . -5.38 -31.99 12.91
C1 E5M G . -7.40 -31.32 10.90
C2 E5M G . -5.01 -31.47 11.74
N4 E5M G . -2.08 -32.22 14.53
N5 E5M G . -4.79 -32.75 15.04
O1 E5M G . -1.53 -33.04 16.57
C15 E5M G . -8.04 -32.08 11.87
F1 E5M G . -10.02 -32.90 12.84
O2 E5M G . -11.53 -31.63 11.04
F2 E5M G . -10.29 -30.09 9.07
S SO4 H . -22.22 -19.07 -1.70
O1 SO4 H . -23.25 -18.01 -1.51
O2 SO4 H . -21.62 -18.92 -3.04
O3 SO4 H . -21.13 -18.88 -0.71
O4 SO4 H . -22.80 -20.43 -1.52
S SO4 I . -29.16 -33.18 5.60
O1 SO4 I . -29.35 -31.70 5.58
O2 SO4 I . -28.14 -33.57 4.59
O3 SO4 I . -28.75 -33.64 6.95
O4 SO4 I . -30.45 -33.85 5.29
S SO4 J . -5.67 -21.12 38.84
O1 SO4 J . -6.58 -20.50 37.86
O2 SO4 J . -4.48 -21.60 38.10
O3 SO4 J . -5.33 -20.10 39.86
O4 SO4 J . -6.32 -22.27 39.51
S SO4 K . 38.60 -6.88 5.13
O1 SO4 K . 38.36 -6.05 3.95
O2 SO4 K . 39.45 -7.99 4.72
O3 SO4 K . 39.28 -6.11 6.16
O4 SO4 K . 37.33 -7.40 5.61
S SO4 L . 51.12 11.12 12.86
O1 SO4 L . 51.41 12.48 12.40
O2 SO4 L . 50.94 10.24 11.70
O3 SO4 L . 52.23 10.64 13.67
O4 SO4 L . 49.91 11.10 13.71
C4 E5M M . 9.61 -12.42 -27.29
C14 E5M M . 16.02 -11.58 -26.36
C5 E5M M . 10.90 -12.01 -27.72
C6 E5M M . 8.68 -12.03 -29.52
C11 E5M M . 14.97 -12.31 -23.93
C7 E5M M . 10.10 -11.83 -30.05
C8 E5M M . 7.14 -12.28 -27.63
C9 E5M M . 12.34 -10.87 -29.37
C10 E5M M . 10.54 -13.02 -30.88
C12 E5M M . 16.28 -11.91 -24.04
C13 E5M M . 16.85 -11.56 -25.25
N1 E5M M . 12.84 -12.73 -24.86
N2 E5M M . 10.55 -13.00 -25.17
C3 E5M M . 9.49 -12.89 -25.98
N3 E5M M . 11.96 -12.15 -26.90
C1 E5M M . 14.18 -12.33 -25.06
C2 E5M M . 11.75 -12.62 -25.67
N4 E5M M . 8.50 -12.26 -28.19
N5 E5M M . 11.11 -11.55 -28.99
O1 E5M M . 7.74 -11.98 -30.29
C15 E5M M . 14.71 -11.97 -26.30
F1 E5M M . 16.54 -11.21 -27.56
O2 E5M M . 18.13 -11.18 -25.34
F2 E5M M . 17.05 -11.89 -22.95
S SO4 N . 28.44 -7.40 -7.52
O1 SO4 N . 27.22 -6.74 -8.06
O2 SO4 N . 29.21 -8.03 -8.62
O3 SO4 N . 29.24 -6.42 -6.77
O4 SO4 N . 27.93 -8.43 -6.57
S SO4 O . 4.57 12.02 -38.58
O1 SO4 O . 4.75 11.88 -40.03
O2 SO4 O . 5.26 13.24 -38.14
O3 SO4 O . 5.08 10.85 -37.87
O4 SO4 O . 3.13 12.15 -38.28
C1 EDO P . 39.03 -3.93 -27.88
O1 EDO P . 39.39 -4.09 -26.52
C2 EDO P . 40.21 -4.15 -28.79
O2 EDO P . 39.67 -4.43 -30.08
#